data_8HKO
#
_entry.id   8HKO
#
_cell.length_a   39.761
_cell.length_b   86.286
_cell.length_c   96.047
_cell.angle_alpha   90.000
_cell.angle_beta   90.390
_cell.angle_gamma   90.000
#
_symmetry.space_group_name_H-M   'P 1 21 1'
#
loop_
_entity.id
_entity.type
_entity.pdbx_description
1 polymer 'Poly [ADP-ribose] polymerase 2'
2 non-polymer GLYCEROL
3 non-polymer Rucaparib
4 water water
#
_entity_poly.entity_id   1
_entity_poly.type   'polypeptide(L)'
_entity_poly.pdbx_seq_one_letter_code
;GPESQLDLRVQELIKLICNVQAMEEMMMEMKYNTKKAPLGKLTVAQIKAGYQSLKKIEDCIRAGQHGRALMEACNEFYTR
IPHDFGLRTPPLIRTQKELSEKIQLLEALGDIEIAIKLVKSERQGLEHPLDQHYRNLHCALRPLDHESYEFKVISQYLQS
THAPTHSDYTMTLLDLFEVEKDGEKEAFREDLHNRMLLWHGSRMSNWVGILSHGLRIAPPEAPITGYMFGKGIYFADMSS
KSANYCFASRLKNTGLLLLSEVALGQCNELLEANPKAEGLLQGKHSTKGLGKMAPSSAHFVTLNGSTVPLGPASDTGILN
PDGYTLNYNEYIVYNPNQVRMRYLLKVQFNFLQ
;
_entity_poly.pdbx_strand_id   A,B
#
# COMPACT_ATOMS: atom_id res chain seq x y z
N GLY A 1 40.83 8.16 -22.20
CA GLY A 1 41.60 8.28 -20.95
C GLY A 1 41.61 6.95 -20.20
N PRO A 2 41.96 6.94 -18.88
CA PRO A 2 41.86 5.72 -18.09
C PRO A 2 40.38 5.39 -17.93
N GLU A 3 40.04 4.09 -17.96
CA GLU A 3 38.67 3.62 -17.81
C GLU A 3 38.30 3.56 -16.33
N SER A 4 37.01 3.79 -16.02
CA SER A 4 36.49 3.66 -14.67
C SER A 4 36.49 2.17 -14.28
N GLN A 5 36.97 1.89 -13.05
CA GLN A 5 36.85 0.56 -12.47
C GLN A 5 35.55 0.39 -11.69
N LEU A 6 34.64 1.37 -11.71
CA LEU A 6 33.46 1.31 -10.86
C LEU A 6 32.36 0.58 -11.60
N ASP A 7 31.51 -0.13 -10.85
CA ASP A 7 30.25 -0.60 -11.40
C ASP A 7 29.52 0.58 -12.04
N LEU A 8 28.85 0.32 -13.19
CA LEU A 8 28.21 1.39 -13.94
C LEU A 8 27.14 2.07 -13.10
N ARG A 9 26.45 1.34 -12.23
CA ARG A 9 25.40 1.91 -11.40
C ARG A 9 26.01 2.93 -10.43
N VAL A 10 27.24 2.67 -9.96
CA VAL A 10 27.91 3.58 -9.05
C VAL A 10 28.40 4.77 -9.86
N GLN A 11 28.87 4.51 -11.07
CA GLN A 11 29.25 5.61 -11.95
C GLN A 11 28.09 6.60 -12.06
N GLU A 12 26.88 6.06 -12.28
CA GLU A 12 25.68 6.87 -12.47
C GLU A 12 25.36 7.70 -11.21
N LEU A 13 25.53 7.09 -10.05
CA LEU A 13 25.29 7.78 -8.79
C LEU A 13 26.28 8.93 -8.58
N ILE A 14 27.55 8.67 -8.87
CA ILE A 14 28.58 9.69 -8.71
C ILE A 14 28.27 10.88 -9.61
N LYS A 15 27.85 10.60 -10.85
CA LYS A 15 27.57 11.64 -11.81
C LYS A 15 26.43 12.49 -11.30
N LEU A 16 25.41 11.83 -10.75
CA LEU A 16 24.22 12.50 -10.23
C LEU A 16 24.59 13.43 -9.07
N ILE A 17 25.34 12.93 -8.09
CA ILE A 17 25.56 13.70 -6.87
C ILE A 17 26.67 14.73 -6.99
N CYS A 18 27.59 14.57 -7.97
CA CYS A 18 28.72 15.47 -8.14
C CYS A 18 28.47 16.51 -9.23
N ASN A 19 27.24 16.61 -9.70
CA ASN A 19 26.92 17.58 -10.74
C ASN A 19 26.72 18.97 -10.10
N VAL A 20 27.69 19.87 -10.28
CA VAL A 20 27.69 21.16 -9.62
C VAL A 20 26.70 22.09 -10.30
N GLN A 21 26.48 21.87 -11.59
CA GLN A 21 25.55 22.69 -12.35
C GLN A 21 24.15 22.46 -11.82
N ALA A 22 23.83 21.21 -11.44
CA ALA A 22 22.54 20.96 -10.79
C ALA A 22 22.47 21.66 -9.43
N MET A 23 23.58 21.73 -8.70
CA MET A 23 23.62 22.41 -7.40
C MET A 23 23.35 23.92 -7.56
N GLU A 24 23.92 24.55 -8.59
CA GLU A 24 23.66 25.96 -8.85
C GLU A 24 22.17 26.15 -9.11
N GLU A 25 21.59 25.31 -9.96
CA GLU A 25 20.21 25.48 -10.32
C GLU A 25 19.32 25.36 -9.11
N MET A 26 19.61 24.38 -8.25
CA MET A 26 18.82 24.19 -7.06
C MET A 26 18.92 25.39 -6.12
N MET A 27 20.13 25.92 -5.93
CA MET A 27 20.29 27.09 -5.06
C MET A 27 19.58 28.29 -5.68
N MET A 28 19.62 28.43 -7.02
CA MET A 28 18.87 29.48 -7.70
C MET A 28 17.38 29.35 -7.39
N GLU A 29 16.87 28.10 -7.35
CA GLU A 29 15.48 27.84 -7.00
C GLU A 29 15.15 28.25 -5.57
N MET A 30 16.14 28.20 -4.66
CA MET A 30 15.91 28.58 -3.29
C MET A 30 16.13 30.09 -3.13
N LYS A 31 16.43 30.78 -4.24
CA LYS A 31 16.47 32.23 -4.33
C LYS A 31 17.84 32.73 -3.91
N TYR A 32 18.83 31.83 -3.78
CA TYR A 32 20.21 32.22 -3.51
C TYR A 32 20.81 32.82 -4.79
N ASN A 33 21.50 33.95 -4.64
CA ASN A 33 22.00 34.69 -5.79
C ASN A 33 23.39 34.20 -6.14
N THR A 34 23.45 33.15 -6.97
CA THR A 34 24.71 32.54 -7.38
C THR A 34 25.51 33.46 -8.30
N LYS A 35 24.93 34.59 -8.73
CA LYS A 35 25.68 35.54 -9.53
C LYS A 35 26.46 36.46 -8.60
N LYS A 36 25.80 36.97 -7.55
CA LYS A 36 26.49 37.76 -6.54
C LYS A 36 27.53 36.92 -5.79
N ALA A 37 27.14 35.71 -5.34
CA ALA A 37 28.04 34.88 -4.54
C ALA A 37 28.16 33.50 -5.19
N PRO A 38 29.13 33.34 -6.13
CA PRO A 38 29.25 32.10 -6.89
C PRO A 38 29.56 30.95 -5.94
N LEU A 39 28.99 29.78 -6.22
CA LEU A 39 29.07 28.65 -5.32
C LEU A 39 30.52 28.20 -5.09
N GLY A 40 31.36 28.34 -6.12
CA GLY A 40 32.77 28.02 -6.03
C GLY A 40 33.55 28.98 -5.11
N LYS A 41 32.88 30.03 -4.60
CA LYS A 41 33.52 30.94 -3.66
C LYS A 41 32.92 30.87 -2.27
N LEU A 42 31.87 30.05 -2.08
CA LEU A 42 31.36 29.69 -0.75
C LEU A 42 32.50 29.31 0.19
N THR A 43 32.46 29.84 1.41
CA THR A 43 33.37 29.37 2.45
C THR A 43 32.55 29.00 3.68
N VAL A 44 33.18 28.21 4.54
CA VAL A 44 32.63 27.86 5.84
C VAL A 44 32.40 29.14 6.65
N ALA A 45 33.33 30.11 6.57
CA ALA A 45 33.22 31.36 7.32
C ALA A 45 31.99 32.15 6.86
N GLN A 46 31.70 32.14 5.55
CA GLN A 46 30.52 32.84 5.04
C GLN A 46 29.26 32.21 5.63
N ILE A 47 29.22 30.88 5.66
CA ILE A 47 28.03 30.15 6.09
C ILE A 47 27.79 30.34 7.60
N LYS A 48 28.87 30.26 8.38
CA LYS A 48 28.77 30.48 9.81
C LYS A 48 28.32 31.92 10.08
N ALA A 49 28.81 32.87 9.27
CA ALA A 49 28.38 34.26 9.44
C ALA A 49 26.90 34.40 9.13
N GLY A 50 26.45 33.71 8.07
CA GLY A 50 25.03 33.47 7.82
C GLY A 50 24.27 33.01 9.06
N TYR A 51 24.72 31.93 9.70
CA TYR A 51 23.97 31.43 10.86
C TYR A 51 23.90 32.49 11.95
N GLN A 52 25.01 33.22 12.13
CA GLN A 52 25.08 34.25 13.17
C GLN A 52 24.05 35.35 12.92
N SER A 53 23.91 35.78 11.67
CA SER A 53 22.90 36.76 11.32
C SER A 53 21.50 36.23 11.57
N LEU A 54 21.24 34.93 11.29
CA LEU A 54 19.95 34.33 11.58
C LEU A 54 19.65 34.31 13.07
N LYS A 55 20.69 34.10 13.89
CA LYS A 55 20.57 34.23 15.33
C LYS A 55 20.13 35.66 15.72
N LYS A 56 20.70 36.69 15.06
CA LYS A 56 20.29 38.06 15.35
C LYS A 56 18.84 38.25 14.93
N ILE A 57 18.41 37.60 13.84
CA ILE A 57 17.03 37.65 13.44
C ILE A 57 16.15 37.01 14.50
N GLU A 58 16.56 35.82 14.98
CA GLU A 58 15.87 35.18 16.08
C GLU A 58 15.73 36.14 17.27
N ASP A 59 16.79 36.91 17.58
CA ASP A 59 16.73 37.87 18.69
C ASP A 59 15.59 38.86 18.47
N CYS A 60 15.51 39.43 17.26
CA CYS A 60 14.44 40.38 16.97
C CYS A 60 13.06 39.74 17.12
N ILE A 61 12.93 38.47 16.72
CA ILE A 61 11.62 37.86 16.65
C ILE A 61 11.13 37.65 18.08
N ARG A 62 12.04 37.20 18.94
CA ARG A 62 11.75 36.94 20.34
C ARG A 62 11.34 38.23 21.07
N ALA A 63 11.90 39.37 20.64
CA ALA A 63 11.61 40.70 21.19
C ALA A 63 10.36 41.34 20.57
N GLY A 64 9.74 40.73 19.55
CA GLY A 64 8.59 41.34 18.90
C GLY A 64 8.95 42.54 18.02
N GLN A 65 10.19 42.60 17.53
CA GLN A 65 10.62 43.75 16.76
C GLN A 65 10.41 43.49 15.27
N HIS A 66 9.64 44.36 14.63
CA HIS A 66 9.28 44.17 13.23
C HIS A 66 9.74 45.36 12.38
N GLY A 67 10.56 46.24 12.98
CA GLY A 67 10.90 47.54 12.40
C GLY A 67 12.37 47.60 12.02
N ARG A 68 13.03 48.74 12.25
CA ARG A 68 14.41 48.95 11.84
C ARG A 68 15.34 47.83 12.36
N ALA A 69 15.19 47.39 13.60
CA ALA A 69 16.13 46.40 14.10
C ALA A 69 16.03 45.11 13.29
N LEU A 70 14.82 44.69 12.91
CA LEU A 70 14.67 43.46 12.14
C LEU A 70 15.13 43.72 10.70
N MET A 71 14.79 44.89 10.18
CA MET A 71 15.24 45.30 8.85
C MET A 71 16.76 45.20 8.72
N GLU A 72 17.50 45.68 9.73
CA GLU A 72 18.96 45.64 9.69
C GLU A 72 19.48 44.21 9.90
N ALA A 73 18.90 43.45 10.84
CA ALA A 73 19.31 42.06 11.01
C ALA A 73 19.14 41.29 9.68
N CYS A 74 18.00 41.45 9.01
CA CYS A 74 17.79 40.73 7.76
C CYS A 74 18.73 41.22 6.68
N ASN A 75 19.00 42.53 6.69
CA ASN A 75 19.92 43.10 5.71
C ASN A 75 21.30 42.46 5.87
N GLU A 76 21.69 42.23 7.13
CA GLU A 76 22.99 41.64 7.38
C GLU A 76 23.01 40.19 6.85
N PHE A 77 21.96 39.42 7.16
CA PHE A 77 21.81 38.07 6.64
C PHE A 77 21.91 38.08 5.11
N TYR A 78 21.11 38.93 4.46
CA TYR A 78 21.03 38.94 3.00
C TYR A 78 22.32 39.47 2.38
N THR A 79 23.13 40.20 3.15
CA THR A 79 24.42 40.64 2.63
C THR A 79 25.41 39.47 2.61
N ARG A 80 25.40 38.69 3.69
CA ARG A 80 26.30 37.56 3.82
C ARG A 80 25.84 36.38 2.96
N ILE A 81 24.52 36.23 2.77
CA ILE A 81 23.90 35.12 2.06
C ILE A 81 22.99 35.70 0.99
N PRO A 82 23.56 36.16 -0.14
CA PRO A 82 22.80 36.94 -1.13
C PRO A 82 21.60 36.22 -1.73
N HIS A 83 20.46 36.92 -1.75
CA HIS A 83 19.24 36.38 -2.32
C HIS A 83 18.84 37.21 -3.56
N ASP A 84 18.03 36.62 -4.44
CA ASP A 84 17.46 37.34 -5.57
C ASP A 84 15.95 37.37 -5.42
N PHE A 85 15.40 38.56 -5.15
CA PHE A 85 13.98 38.75 -4.94
C PHE A 85 13.37 39.59 -6.07
N GLY A 86 14.09 39.70 -7.17
CA GLY A 86 13.62 40.43 -8.34
C GLY A 86 13.66 41.94 -8.09
N LEU A 87 12.51 42.61 -8.28
CA LEU A 87 12.47 44.05 -8.05
C LEU A 87 11.67 44.34 -6.78
N ARG A 88 11.48 43.30 -5.96
CA ARG A 88 10.92 43.48 -4.64
C ARG A 88 12.01 43.89 -3.66
N THR A 89 11.61 44.72 -2.71
CA THR A 89 12.38 44.93 -1.50
C THR A 89 12.51 43.60 -0.76
N PRO A 90 13.73 43.12 -0.42
CA PRO A 90 13.91 41.86 0.30
C PRO A 90 12.92 41.69 1.45
N PRO A 91 12.22 40.55 1.57
CA PRO A 91 11.21 40.36 2.60
C PRO A 91 11.87 40.08 3.94
N LEU A 92 11.29 40.65 4.99
CA LEU A 92 11.75 40.38 6.35
C LEU A 92 11.36 38.95 6.74
N ILE A 93 12.24 38.34 7.56
CA ILE A 93 12.01 37.07 8.22
C ILE A 93 11.44 37.41 9.59
N ARG A 94 10.10 37.30 9.70
CA ARG A 94 9.33 37.96 10.74
C ARG A 94 8.87 36.99 11.81
N THR A 95 8.84 35.69 11.49
CA THR A 95 8.29 34.69 12.38
C THR A 95 9.24 33.50 12.52
N GLN A 96 9.10 32.77 13.63
CA GLN A 96 9.86 31.55 13.87
C GLN A 96 9.75 30.56 12.71
N LYS A 97 8.55 30.41 12.13
CA LYS A 97 8.37 29.54 10.98
C LYS A 97 9.26 29.98 9.81
N GLU A 98 9.24 31.26 9.45
CA GLU A 98 10.03 31.73 8.32
C GLU A 98 11.50 31.49 8.60
N LEU A 99 11.92 31.74 9.86
CA LEU A 99 13.29 31.55 10.25
C LEU A 99 13.67 30.07 10.09
N SER A 100 12.81 29.17 10.61
CA SER A 100 13.07 27.74 10.56
C SER A 100 13.23 27.27 9.13
N GLU A 101 12.40 27.80 8.22
CA GLU A 101 12.44 27.48 6.80
C GLU A 101 13.72 27.95 6.12
N LYS A 102 14.46 28.89 6.71
CA LYS A 102 15.69 29.34 6.09
C LYS A 102 16.91 28.48 6.43
N ILE A 103 16.85 27.64 7.48
CA ILE A 103 17.98 26.82 7.92
C ILE A 103 18.43 25.89 6.80
N GLN A 104 17.46 25.34 6.07
CA GLN A 104 17.73 24.38 5.01
C GLN A 104 18.64 24.99 3.94
N LEU A 105 18.51 26.29 3.66
CA LEU A 105 19.38 26.93 2.70
C LEU A 105 20.82 26.88 3.17
N LEU A 106 21.05 27.19 4.46
CA LEU A 106 22.42 27.22 4.97
C LEU A 106 22.99 25.80 4.99
N GLU A 107 22.14 24.82 5.30
CA GLU A 107 22.54 23.42 5.32
C GLU A 107 22.94 22.96 3.93
N ALA A 108 22.17 23.34 2.91
CA ALA A 108 22.55 22.98 1.55
C ALA A 108 23.87 23.65 1.17
N LEU A 109 24.04 24.94 1.53
CA LEU A 109 25.29 25.63 1.24
C LEU A 109 26.45 24.90 1.89
N GLY A 110 26.28 24.43 3.13
CA GLY A 110 27.34 23.68 3.80
C GLY A 110 27.77 22.45 3.00
N ASP A 111 26.77 21.70 2.53
CA ASP A 111 27.02 20.45 1.83
C ASP A 111 27.56 20.72 0.42
N ILE A 112 27.17 21.84 -0.17
CA ILE A 112 27.72 22.22 -1.47
C ILE A 112 29.18 22.65 -1.32
N GLU A 113 29.54 23.39 -0.26
CA GLU A 113 30.93 23.79 -0.04
C GLU A 113 31.79 22.52 0.00
N ILE A 114 31.29 21.48 0.67
CA ILE A 114 31.94 20.20 0.73
C ILE A 114 32.05 19.58 -0.66
N ALA A 115 30.94 19.59 -1.42
CA ALA A 115 30.92 18.91 -2.71
C ALA A 115 31.93 19.58 -3.66
N ILE A 116 31.97 20.91 -3.67
CA ILE A 116 32.84 21.61 -4.59
C ILE A 116 34.31 21.39 -4.21
N LYS A 117 34.66 21.44 -2.93
CA LYS A 117 36.00 21.08 -2.49
C LYS A 117 36.39 19.68 -3.02
N LEU A 118 35.48 18.71 -2.95
CA LEU A 118 35.80 17.35 -3.34
C LEU A 118 35.98 17.24 -4.85
N VAL A 119 35.09 17.85 -5.65
CA VAL A 119 35.22 17.70 -7.10
C VAL A 119 36.42 18.48 -7.62
N LYS A 120 36.83 19.55 -6.95
CA LYS A 120 38.00 20.35 -7.38
C LYS A 120 39.29 19.70 -6.86
N SER A 121 39.19 18.55 -6.20
CA SER A 121 40.36 17.89 -5.56
C SER A 121 41.49 17.58 -6.56
N GLU A 122 42.66 18.21 -6.38
CA GLU A 122 43.91 18.01 -7.17
C GLU A 122 43.80 17.03 -8.35
N ARG A 123 43.48 15.76 -8.09
CA ARG A 123 43.22 14.83 -9.22
C ARG A 123 44.49 14.33 -9.92
N GLN A 124 44.56 13.04 -10.19
CA GLN A 124 45.72 12.43 -10.90
C GLN A 124 45.21 11.68 -12.13
N GLY A 125 45.78 11.95 -13.31
CA GLY A 125 45.39 11.24 -14.54
C GLY A 125 45.40 9.73 -14.37
N LEU A 126 45.95 9.23 -13.26
CA LEU A 126 46.02 7.77 -12.98
C LEU A 126 44.61 7.15 -12.92
N GLU A 127 43.63 7.87 -12.37
CA GLU A 127 42.28 7.28 -12.18
C GLU A 127 41.20 8.09 -12.89
N HIS A 128 40.19 7.40 -13.38
CA HIS A 128 39.05 8.09 -13.97
C HIS A 128 38.50 9.06 -12.93
N PRO A 129 38.01 10.26 -13.32
CA PRO A 129 37.50 11.22 -12.32
C PRO A 129 36.31 10.71 -11.49
N LEU A 130 35.44 9.86 -12.04
CA LEU A 130 34.37 9.25 -11.24
C LEU A 130 34.97 8.43 -10.11
N ASP A 131 35.99 7.63 -10.45
CA ASP A 131 36.66 6.80 -9.47
C ASP A 131 37.35 7.65 -8.41
N GLN A 132 37.87 8.81 -8.79
CA GLN A 132 38.55 9.71 -7.86
C GLN A 132 37.54 10.35 -6.91
N HIS A 133 36.40 10.85 -7.44
CA HIS A 133 35.33 11.34 -6.58
C HIS A 133 34.85 10.25 -5.62
N TYR A 134 34.64 9.02 -6.11
CA TYR A 134 34.16 7.93 -5.27
C TYR A 134 35.13 7.69 -4.11
N ARG A 135 36.42 7.54 -4.44
CA ARG A 135 37.45 7.33 -3.43
C ARG A 135 37.39 8.45 -2.40
N ASN A 136 37.28 9.70 -2.85
CA ASN A 136 37.29 10.83 -1.94
C ASN A 136 36.07 10.83 -1.00
N LEU A 137 35.02 10.03 -1.26
CA LEU A 137 33.88 10.00 -0.35
C LEU A 137 34.22 9.24 0.92
N HIS A 138 35.19 8.31 0.84
CA HIS A 138 35.47 7.43 1.97
C HIS A 138 34.16 6.80 2.45
N CYS A 139 33.43 6.24 1.50
CA CYS A 139 32.12 5.64 1.74
C CYS A 139 31.89 4.59 0.67
N ALA A 140 31.82 3.32 1.06
CA ALA A 140 31.59 2.26 0.10
C ALA A 140 30.11 2.28 -0.29
N LEU A 141 29.87 2.05 -1.58
CA LEU A 141 28.53 2.03 -2.18
C LEU A 141 28.46 0.81 -3.08
N ARG A 142 27.70 -0.21 -2.67
CA ARG A 142 27.67 -1.49 -3.36
C ARG A 142 26.28 -1.69 -3.94
N PRO A 143 26.12 -1.72 -5.27
CA PRO A 143 24.82 -1.86 -5.89
C PRO A 143 24.24 -3.25 -5.64
N LEU A 144 22.94 -3.32 -5.37
CA LEU A 144 22.29 -4.61 -5.16
C LEU A 144 21.40 -4.97 -6.36
N ASP A 145 21.25 -6.27 -6.59
CA ASP A 145 20.48 -6.80 -7.72
C ASP A 145 19.00 -6.58 -7.43
N HIS A 146 18.26 -6.27 -8.49
CA HIS A 146 16.84 -5.99 -8.37
C HIS A 146 16.08 -7.24 -7.89
N GLU A 147 16.66 -8.42 -8.12
CA GLU A 147 16.06 -9.68 -7.73
C GLU A 147 16.46 -10.06 -6.31
N SER A 148 17.26 -9.23 -5.62
CA SER A 148 17.77 -9.62 -4.31
C SER A 148 16.68 -9.52 -3.24
N TYR A 149 16.92 -10.19 -2.10
CA TYR A 149 16.03 -10.09 -0.97
C TYR A 149 16.02 -8.65 -0.47
N GLU A 150 17.21 -8.02 -0.37
CA GLU A 150 17.31 -6.66 0.10
C GLU A 150 16.36 -5.77 -0.69
N PHE A 151 16.48 -5.85 -2.03
CA PHE A 151 15.70 -5.03 -2.92
C PHE A 151 14.20 -5.26 -2.70
N LYS A 152 13.80 -6.51 -2.41
CA LYS A 152 12.39 -6.85 -2.20
C LYS A 152 11.89 -6.25 -0.88
N VAL A 153 12.67 -6.39 0.19
CA VAL A 153 12.27 -5.88 1.49
C VAL A 153 12.24 -4.35 1.52
N ILE A 154 13.21 -3.70 0.86
CA ILE A 154 13.31 -2.25 0.87
C ILE A 154 12.18 -1.69 0.01
N SER A 155 11.92 -2.35 -1.11
CA SER A 155 10.84 -1.94 -1.98
C SER A 155 9.50 -2.00 -1.22
N GLN A 156 9.34 -3.04 -0.40
CA GLN A 156 8.15 -3.24 0.41
C GLN A 156 8.05 -2.16 1.50
N TYR A 157 9.19 -1.80 2.10
CA TYR A 157 9.23 -0.76 3.12
C TYR A 157 8.89 0.58 2.47
N LEU A 158 9.48 0.88 1.32
CA LEU A 158 9.23 2.13 0.62
C LEU A 158 7.74 2.30 0.31
N GLN A 159 7.09 1.23 -0.17
CA GLN A 159 5.72 1.30 -0.64
C GLN A 159 4.74 1.23 0.52
N SER A 160 4.98 0.31 1.43
CA SER A 160 4.05 0.04 2.51
C SER A 160 3.99 1.18 3.53
N THR A 161 4.98 2.09 3.52
CA THR A 161 5.03 3.17 4.49
C THR A 161 4.97 4.54 3.81
N HIS A 162 4.54 4.54 2.55
CA HIS A 162 4.10 5.76 1.89
C HIS A 162 2.81 6.19 2.55
N ALA A 163 2.81 7.41 3.09
CA ALA A 163 1.76 7.84 4.00
C ALA A 163 0.56 8.27 3.18
N PRO A 164 -0.68 8.06 3.70
CA PRO A 164 -1.89 8.39 2.94
C PRO A 164 -2.04 9.88 2.64
N THR A 165 -1.45 10.79 3.44
CA THR A 165 -1.63 12.22 3.17
C THR A 165 -0.58 12.76 2.18
N HIS A 166 0.40 11.91 1.81
CA HIS A 166 1.45 12.32 0.88
C HIS A 166 1.06 11.79 -0.49
N SER A 167 -0.11 12.25 -0.89
CA SER A 167 -0.87 11.63 -1.96
C SER A 167 -0.45 12.27 -3.28
N ASP A 168 0.43 13.28 -3.24
CA ASP A 168 0.80 14.00 -4.46
C ASP A 168 1.66 13.15 -5.40
N TYR A 169 2.24 12.05 -4.90
CA TYR A 169 3.13 11.26 -5.75
C TYR A 169 3.10 9.80 -5.33
N THR A 170 3.62 8.94 -6.22
CA THR A 170 4.11 7.62 -5.85
C THR A 170 5.62 7.56 -6.12
N MET A 171 6.27 6.50 -5.63
CA MET A 171 7.71 6.36 -5.78
C MET A 171 8.01 5.01 -6.42
N THR A 172 8.98 4.99 -7.32
CA THR A 172 9.51 3.77 -7.92
C THR A 172 10.99 3.64 -7.55
N LEU A 173 11.39 2.47 -7.04
CA LEU A 173 12.80 2.24 -6.70
C LEU A 173 13.55 1.86 -7.97
N LEU A 174 14.50 2.71 -8.37
CA LEU A 174 15.25 2.52 -9.60
C LEU A 174 16.53 1.74 -9.35
N ASP A 175 17.15 1.96 -8.18
CA ASP A 175 18.41 1.33 -7.84
C ASP A 175 18.60 1.39 -6.33
N LEU A 176 19.42 0.46 -5.83
CA LEU A 176 19.64 0.35 -4.41
C LEU A 176 21.12 0.04 -4.15
N PHE A 177 21.70 0.75 -3.19
CA PHE A 177 23.10 0.58 -2.83
C PHE A 177 23.24 0.33 -1.33
N GLU A 178 24.05 -0.65 -0.98
CA GLU A 178 24.45 -0.80 0.40
C GLU A 178 25.54 0.24 0.68
N VAL A 179 25.47 0.89 1.84
CA VAL A 179 26.37 1.98 2.19
C VAL A 179 27.25 1.51 3.34
N GLU A 180 28.56 1.82 3.29
CA GLU A 180 29.39 1.62 4.45
C GLU A 180 30.37 2.77 4.55
N LYS A 181 30.04 3.71 5.46
CA LYS A 181 30.80 4.93 5.63
C LYS A 181 31.91 4.62 6.61
N ASP A 182 33.15 4.93 6.23
CA ASP A 182 34.31 4.65 7.07
C ASP A 182 34.10 5.24 8.45
N GLY A 183 34.34 4.43 9.49
CA GLY A 183 34.32 4.91 10.87
C GLY A 183 32.97 4.72 11.56
N GLU A 184 31.87 4.48 10.81
CA GLU A 184 30.54 4.53 11.38
C GLU A 184 30.28 3.31 12.23
N LYS A 185 30.68 2.14 11.74
CA LYS A 185 30.56 0.91 12.51
C LYS A 185 31.30 1.04 13.83
N GLU A 186 32.52 1.59 13.79
CA GLU A 186 33.37 1.61 14.97
C GLU A 186 32.79 2.54 16.06
N ALA A 187 32.06 3.59 15.65
CA ALA A 187 31.51 4.56 16.60
C ALA A 187 30.13 4.14 17.10
N PHE A 188 29.44 3.25 16.38
CA PHE A 188 28.01 3.06 16.54
C PHE A 188 27.69 2.54 17.94
N ARG A 189 26.62 3.08 18.54
CA ARG A 189 26.14 2.62 19.84
C ARG A 189 25.41 1.29 19.71
N GLU A 190 26.18 0.20 19.57
CA GLU A 190 25.62 -1.14 19.43
C GLU A 190 24.91 -1.56 20.72
N ASP A 191 25.25 -0.92 21.85
CA ASP A 191 24.75 -1.29 23.16
C ASP A 191 23.27 -0.90 23.30
N LEU A 192 22.81 0.08 22.51
CA LEU A 192 21.50 0.69 22.75
C LEU A 192 20.40 -0.21 22.20
N HIS A 193 19.26 -0.20 22.92
CA HIS A 193 18.07 -0.92 22.50
C HIS A 193 17.35 -0.10 21.43
N ASN A 194 16.34 -0.68 20.80
CA ASN A 194 15.44 0.02 19.91
C ASN A 194 16.21 0.47 18.67
N ARG A 195 16.97 -0.47 18.10
CA ARG A 195 17.73 -0.21 16.89
C ARG A 195 16.78 -0.38 15.71
N MET A 196 16.53 0.71 14.97
CA MET A 196 15.55 0.68 13.90
C MET A 196 16.15 1.16 12.58
N LEU A 197 15.69 0.62 11.45
CA LEU A 197 16.09 1.07 10.12
C LEU A 197 15.10 2.13 9.66
N LEU A 198 15.55 3.40 9.69
CA LEU A 198 14.70 4.57 9.51
C LEU A 198 15.18 5.42 8.34
N TRP A 199 14.24 6.20 7.83
CA TRP A 199 14.38 6.98 6.61
C TRP A 199 14.96 8.35 6.93
N HIS A 200 15.72 8.87 5.97
CA HIS A 200 16.20 10.25 5.93
C HIS A 200 16.31 10.71 4.47
N GLY A 201 15.57 11.75 4.14
CA GLY A 201 15.63 12.32 2.82
C GLY A 201 16.39 13.64 2.81
N SER A 202 16.89 14.01 1.63
CA SER A 202 17.64 15.25 1.49
C SER A 202 17.67 15.65 0.02
N ARG A 203 17.86 16.95 -0.24
CA ARG A 203 18.03 17.46 -1.58
C ARG A 203 19.24 16.82 -2.27
N MET A 204 19.19 16.73 -3.61
CA MET A 204 20.21 16.10 -4.41
C MET A 204 21.59 16.70 -4.16
N SER A 205 21.63 18.01 -3.89
CA SER A 205 22.86 18.75 -3.68
C SER A 205 23.59 18.33 -2.41
N ASN A 206 22.92 17.60 -1.51
CA ASN A 206 23.47 17.38 -0.18
C ASN A 206 24.26 16.08 -0.06
N TRP A 207 24.17 15.17 -1.04
CA TRP A 207 24.61 13.79 -0.80
C TRP A 207 26.13 13.60 -0.80
N VAL A 208 26.89 14.39 -1.58
CA VAL A 208 28.34 14.31 -1.43
C VAL A 208 28.70 14.61 0.03
N GLY A 209 28.15 15.69 0.59
CA GLY A 209 28.39 16.02 2.00
C GLY A 209 27.92 14.93 2.97
N ILE A 210 26.74 14.34 2.72
CA ILE A 210 26.22 13.34 3.62
C ILE A 210 27.07 12.05 3.56
N LEU A 211 27.39 11.61 2.35
CA LEU A 211 28.14 10.38 2.18
C LEU A 211 29.59 10.57 2.64
N SER A 212 30.17 11.77 2.48
CA SER A 212 31.56 11.96 2.87
C SER A 212 31.69 12.32 4.35
N HIS A 213 30.69 12.99 4.95
CA HIS A 213 30.87 13.50 6.29
C HIS A 213 29.94 12.84 7.29
N GLY A 214 29.00 12.03 6.79
CA GLY A 214 27.92 11.50 7.61
C GLY A 214 26.80 12.53 7.83
N LEU A 215 25.70 12.06 8.41
CA LEU A 215 24.65 12.95 8.90
C LEU A 215 25.18 13.73 10.11
N ARG A 216 24.94 15.04 10.10
CA ARG A 216 25.54 15.94 11.08
C ARG A 216 24.44 16.76 11.76
N ILE A 217 24.82 17.28 12.91
CA ILE A 217 24.00 18.14 13.74
C ILE A 217 24.35 19.58 13.40
N ALA A 218 23.33 20.44 13.52
CA ALA A 218 23.44 21.88 13.33
C ALA A 218 24.59 22.42 14.16
N PRO A 219 25.28 23.47 13.67
CA PRO A 219 26.37 24.10 14.42
C PRO A 219 25.86 24.93 15.60
N PRO A 220 26.77 25.22 16.57
CA PRO A 220 26.43 26.00 17.75
C PRO A 220 25.82 27.36 17.44
N GLU A 221 26.28 28.00 16.35
CA GLU A 221 25.87 29.35 15.97
C GLU A 221 24.42 29.45 15.49
N ALA A 222 23.87 28.34 15.01
CA ALA A 222 22.53 28.35 14.47
C ALA A 222 21.53 28.67 15.57
N PRO A 223 20.44 29.42 15.25
CA PRO A 223 19.36 29.71 16.18
C PRO A 223 18.53 28.49 16.54
N ILE A 224 18.34 28.29 17.85
CA ILE A 224 17.77 27.05 18.36
C ILE A 224 16.31 26.93 17.90
N THR A 225 15.59 28.05 17.78
CA THR A 225 14.18 27.99 17.45
C THR A 225 13.95 27.56 16.00
N GLY A 226 15.04 27.45 15.22
CA GLY A 226 14.96 26.92 13.87
C GLY A 226 14.74 25.42 13.76
N TYR A 227 14.80 24.68 14.89
CA TYR A 227 14.71 23.22 14.90
C TYR A 227 13.60 22.76 15.83
N MET A 228 12.57 22.14 15.26
CA MET A 228 11.36 21.78 15.98
C MET A 228 11.66 21.00 17.26
N PHE A 229 12.62 20.06 17.20
CA PHE A 229 12.99 19.27 18.37
C PHE A 229 14.49 19.38 18.66
N GLY A 230 15.10 20.50 18.29
CA GLY A 230 16.48 20.79 18.67
C GLY A 230 17.47 20.31 17.61
N LYS A 231 18.76 20.44 17.96
CA LYS A 231 19.86 20.25 17.04
C LYS A 231 20.27 18.78 17.06
N GLY A 232 19.47 17.96 16.37
CA GLY A 232 19.76 16.57 16.20
C GLY A 232 19.63 16.17 14.75
N ILE A 233 19.61 14.85 14.56
CA ILE A 233 19.50 14.23 13.26
C ILE A 233 18.14 13.58 13.24
N TYR A 234 17.35 13.87 12.20
CA TYR A 234 15.93 13.54 12.19
C TYR A 234 15.65 12.41 11.22
N PHE A 235 14.72 11.52 11.60
CA PHE A 235 14.35 10.36 10.82
C PHE A 235 12.85 10.10 10.90
N ALA A 236 12.32 9.44 9.86
CA ALA A 236 10.92 9.01 9.80
C ALA A 236 10.87 7.49 9.78
N ASP A 237 9.69 6.95 10.17
CA ASP A 237 9.37 5.56 9.90
C ASP A 237 8.42 5.45 8.70
N MET A 238 8.01 6.60 8.12
CA MET A 238 7.16 6.60 6.95
C MET A 238 7.95 7.17 5.78
N SER A 239 8.08 6.38 4.72
CA SER A 239 8.98 6.66 3.61
C SER A 239 8.74 8.05 3.04
N SER A 240 7.47 8.43 2.82
CA SER A 240 7.11 9.66 2.13
C SER A 240 7.34 10.89 3.00
N LYS A 241 7.36 10.76 4.33
CA LYS A 241 7.67 11.88 5.19
C LYS A 241 9.11 12.34 4.95
N SER A 242 10.01 11.37 4.82
CA SER A 242 11.41 11.62 4.48
C SER A 242 11.57 12.00 3.01
N ALA A 243 10.84 11.34 2.11
CA ALA A 243 11.00 11.60 0.68
C ALA A 243 10.55 13.02 0.32
N ASN A 244 9.61 13.58 1.09
CA ASN A 244 9.21 14.97 0.91
C ASN A 244 10.41 15.89 1.07
N TYR A 245 11.41 15.48 1.87
CA TYR A 245 12.60 16.27 2.10
C TYR A 245 13.63 16.13 0.97
N CYS A 246 13.35 15.32 -0.05
CA CYS A 246 14.16 15.34 -1.26
C CYS A 246 13.84 16.57 -2.12
N PHE A 247 12.64 17.14 -1.91
CA PHE A 247 12.19 18.28 -2.69
C PHE A 247 12.34 17.96 -4.18
N ALA A 248 11.99 16.73 -4.60
CA ALA A 248 11.88 16.40 -6.01
C ALA A 248 10.76 17.23 -6.66
N SER A 249 10.88 17.44 -7.98
CA SER A 249 9.89 18.20 -8.76
C SER A 249 9.44 17.40 -9.97
N ARG A 250 8.49 17.94 -10.72
CA ARG A 250 8.03 17.31 -11.95
C ARG A 250 9.15 17.20 -12.97
N LEU A 251 10.03 18.20 -13.01
CA LEU A 251 11.16 18.20 -13.98
C LEU A 251 12.36 17.43 -13.41
N LYS A 252 12.61 17.55 -12.11
CA LYS A 252 13.71 16.81 -11.46
C LYS A 252 13.04 15.78 -10.55
N ASN A 253 12.62 14.67 -11.14
CA ASN A 253 11.82 13.71 -10.39
C ASN A 253 12.62 12.46 -10.05
N THR A 254 13.94 12.58 -10.00
CA THR A 254 14.79 11.53 -9.45
C THR A 254 15.47 12.05 -8.20
N GLY A 255 15.28 11.33 -7.09
CA GLY A 255 15.89 11.66 -5.81
C GLY A 255 16.60 10.48 -5.17
N LEU A 256 17.27 10.77 -4.03
CA LEU A 256 17.92 9.79 -3.17
C LEU A 256 17.32 9.87 -1.78
N LEU A 257 17.15 8.69 -1.19
CA LEU A 257 16.54 8.48 0.10
C LEU A 257 17.44 7.49 0.82
N LEU A 258 17.78 7.78 2.08
CA LEU A 258 18.69 6.99 2.88
C LEU A 258 17.93 6.22 3.97
N LEU A 259 18.31 4.96 4.17
CA LEU A 259 18.01 4.17 5.36
C LEU A 259 19.27 4.00 6.17
N SER A 260 19.09 4.15 7.49
CA SER A 260 20.15 4.16 8.47
C SER A 260 19.64 3.38 9.69
N GLU A 261 20.56 2.62 10.29
CA GLU A 261 20.31 2.00 11.56
C GLU A 261 20.44 3.08 12.60
N VAL A 262 19.40 3.28 13.41
CA VAL A 262 19.36 4.35 14.39
C VAL A 262 19.20 3.69 15.75
N ALA A 263 20.22 3.89 16.58
CA ALA A 263 20.22 3.39 17.95
C ALA A 263 19.41 4.34 18.82
N LEU A 264 18.11 4.15 18.90
CA LEU A 264 17.24 5.09 19.61
C LEU A 264 17.39 4.98 21.13
N GLY A 265 17.73 3.77 21.62
CA GLY A 265 17.65 3.53 23.05
C GLY A 265 16.24 3.88 23.56
N GLN A 266 16.17 4.63 24.67
CA GLN A 266 14.91 5.03 25.29
C GLN A 266 14.47 6.39 24.75
N CYS A 267 13.32 6.42 24.08
CA CYS A 267 12.77 7.65 23.51
C CYS A 267 12.05 8.49 24.56
N ASN A 268 12.38 9.78 24.62
CA ASN A 268 11.53 10.80 25.20
C ASN A 268 10.42 11.14 24.20
N GLU A 269 9.17 10.74 24.50
CA GLU A 269 8.03 10.92 23.63
C GLU A 269 7.38 12.27 23.88
N LEU A 270 7.18 13.04 22.81
CA LEU A 270 6.61 14.38 22.85
C LEU A 270 5.51 14.49 21.79
N LEU A 271 4.43 15.23 22.10
CA LEU A 271 3.33 15.45 21.18
C LEU A 271 3.59 16.69 20.34
N GLU A 272 4.24 17.68 20.97
CA GLU A 272 4.36 19.01 20.41
C GLU A 272 5.82 19.40 20.26
N ALA A 273 6.05 20.33 19.34
CA ALA A 273 7.34 20.93 19.08
C ALA A 273 7.95 21.51 20.35
N ASN A 274 9.24 21.28 20.52
CA ASN A 274 9.98 21.89 21.60
C ASN A 274 11.42 22.01 21.18
N PRO A 275 11.87 23.13 20.58
CA PRO A 275 13.25 23.24 20.14
C PRO A 275 14.27 22.89 21.22
N LYS A 276 13.85 22.90 22.50
CA LYS A 276 14.76 22.59 23.61
C LYS A 276 14.63 21.15 24.07
N ALA A 277 14.07 20.29 23.21
CA ALA A 277 13.84 18.90 23.54
C ALA A 277 15.08 18.20 24.09
N GLU A 278 16.28 18.60 23.65
CA GLU A 278 17.47 17.87 24.01
C GLU A 278 17.72 17.94 25.52
N GLY A 279 17.47 19.10 26.13
CA GLY A 279 17.60 19.26 27.57
C GLY A 279 16.55 18.48 28.39
N LEU A 280 15.58 17.85 27.72
CA LEU A 280 14.53 17.10 28.39
C LEU A 280 14.90 15.63 28.51
N LEU A 281 16.01 15.18 27.89
CA LEU A 281 16.29 13.75 27.79
C LEU A 281 16.55 13.13 29.16
N GLN A 282 17.36 13.80 30.00
CA GLN A 282 17.66 13.38 31.36
C GLN A 282 17.98 11.90 31.42
N GLY A 283 18.96 11.45 30.63
CA GLY A 283 19.31 10.03 30.60
C GLY A 283 18.76 9.27 29.39
N LYS A 284 17.67 9.76 28.78
CA LYS A 284 17.10 9.10 27.62
C LYS A 284 18.00 9.37 26.40
N HIS A 285 17.80 8.65 25.30
CA HIS A 285 18.79 8.57 24.23
C HIS A 285 18.31 9.26 22.95
N SER A 286 17.02 9.59 22.87
CA SER A 286 16.44 10.12 21.65
C SER A 286 15.07 10.75 21.93
N THR A 287 14.64 11.62 21.00
CA THR A 287 13.32 12.23 21.07
C THR A 287 12.43 11.54 20.02
N LYS A 288 11.17 11.24 20.39
CA LYS A 288 10.19 10.74 19.45
C LYS A 288 9.00 11.69 19.47
N GLY A 289 8.84 12.44 18.37
CA GLY A 289 7.60 13.14 18.09
C GLY A 289 6.49 12.17 17.68
N LEU A 290 5.38 12.16 18.42
CA LEU A 290 4.35 11.15 18.27
C LEU A 290 3.35 11.54 17.17
N GLY A 291 3.20 10.65 16.18
CA GLY A 291 2.24 10.83 15.10
C GLY A 291 0.94 10.04 15.32
N LYS A 292 -0.08 10.37 14.52
CA LYS A 292 -1.39 9.76 14.58
C LYS A 292 -1.39 8.40 13.89
N MET A 293 -0.38 8.16 13.03
CA MET A 293 -0.31 6.96 12.23
C MET A 293 1.15 6.50 12.12
N ALA A 294 1.35 5.18 12.25
CA ALA A 294 2.66 4.56 12.32
C ALA A 294 2.58 3.08 11.98
N PRO A 295 3.68 2.46 11.49
CA PRO A 295 3.74 1.00 11.33
C PRO A 295 3.49 0.35 12.67
N SER A 296 2.93 -0.87 12.68
CA SER A 296 2.76 -1.64 13.92
C SER A 296 3.68 -2.85 13.97
N SER A 297 4.01 -3.28 15.21
CA SER A 297 4.79 -4.46 15.56
C SER A 297 4.46 -5.68 14.69
N ALA A 298 3.17 -5.86 14.39
CA ALA A 298 2.70 -7.04 13.69
C ALA A 298 3.52 -7.33 12.43
N HIS A 299 3.98 -6.28 11.73
CA HIS A 299 4.45 -6.45 10.36
C HIS A 299 5.97 -6.31 10.26
N PHE A 300 6.66 -6.23 11.40
CA PHE A 300 8.07 -5.92 11.44
C PHE A 300 8.92 -7.12 10.98
N VAL A 301 10.07 -6.79 10.39
CA VAL A 301 11.10 -7.76 10.08
C VAL A 301 12.41 -7.15 10.57
N THR A 302 13.45 -7.97 10.65
CA THR A 302 14.76 -7.46 11.00
C THR A 302 15.68 -7.63 9.81
N LEU A 303 16.63 -6.70 9.66
CA LEU A 303 17.72 -6.77 8.70
C LEU A 303 19.02 -6.42 9.40
N ASN A 304 19.96 -7.40 9.45
CA ASN A 304 21.30 -7.21 10.00
C ASN A 304 21.23 -6.58 11.39
N GLY A 305 20.26 -7.01 12.21
CA GLY A 305 20.20 -6.61 13.61
C GLY A 305 19.27 -5.41 13.86
N SER A 306 18.66 -4.88 12.79
CA SER A 306 17.81 -3.70 12.97
C SER A 306 16.36 -4.02 12.65
N THR A 307 15.42 -3.44 13.42
CA THR A 307 14.00 -3.55 13.09
C THR A 307 13.61 -2.64 11.92
N VAL A 308 12.96 -3.25 10.93
CA VAL A 308 12.39 -2.58 9.77
C VAL A 308 10.88 -2.47 10.02
N PRO A 309 10.34 -1.26 10.29
CA PRO A 309 8.93 -1.12 10.63
C PRO A 309 8.09 -1.09 9.35
N LEU A 310 7.96 -2.25 8.70
CA LEU A 310 7.13 -2.36 7.51
C LEU A 310 5.68 -1.99 7.84
N GLY A 311 5.01 -1.49 6.80
CA GLY A 311 3.60 -1.14 6.90
C GLY A 311 2.75 -2.36 6.57
N PRO A 312 1.41 -2.20 6.45
CA PRO A 312 0.77 -0.88 6.42
C PRO A 312 0.74 -0.22 7.80
N ALA A 313 0.78 1.11 7.77
CA ALA A 313 0.63 1.88 8.99
C ALA A 313 -0.83 1.84 9.40
N SER A 314 -1.04 2.04 10.69
CA SER A 314 -2.38 2.08 11.23
C SER A 314 -2.43 3.16 12.32
N ASP A 315 -3.64 3.41 12.80
CA ASP A 315 -3.87 4.50 13.73
C ASP A 315 -3.20 4.19 15.07
N THR A 316 -2.51 5.18 15.64
CA THR A 316 -1.83 5.00 16.90
C THR A 316 -2.68 5.43 18.09
N GLY A 317 -3.86 6.02 17.85
CA GLY A 317 -4.67 6.49 18.96
C GLY A 317 -4.17 7.84 19.50
N ILE A 318 -3.09 8.38 18.93
CA ILE A 318 -2.50 9.62 19.44
C ILE A 318 -3.30 10.80 18.91
N LEU A 319 -3.54 11.75 19.82
CA LEU A 319 -4.24 12.99 19.53
C LEU A 319 -3.81 13.98 20.60
N ASN A 320 -3.29 15.13 20.20
CA ASN A 320 -2.91 16.16 21.15
C ASN A 320 -4.19 16.90 21.58
N PRO A 321 -4.55 16.94 22.87
CA PRO A 321 -5.75 17.67 23.29
C PRO A 321 -5.53 19.18 23.30
N ASP A 322 -4.26 19.58 23.47
CA ASP A 322 -3.90 20.97 23.76
C ASP A 322 -3.20 21.61 22.56
N GLY A 323 -3.52 21.15 21.34
CA GLY A 323 -2.94 21.75 20.15
C GLY A 323 -2.72 20.74 19.02
N TYR A 324 -1.73 21.06 18.18
CA TYR A 324 -1.43 20.35 16.94
C TYR A 324 -0.83 18.98 17.23
N THR A 325 -1.23 17.99 16.43
CA THR A 325 -0.74 16.63 16.48
C THR A 325 -0.01 16.31 15.17
N LEU A 326 1.20 15.75 15.26
CA LEU A 326 1.94 15.31 14.08
C LEU A 326 1.12 14.19 13.44
N ASN A 327 1.10 14.20 12.10
CA ASN A 327 0.48 13.11 11.35
C ASN A 327 1.29 11.83 11.50
N TYR A 328 2.64 11.95 11.45
CA TYR A 328 3.52 10.79 11.51
C TYR A 328 4.62 11.01 12.54
N ASN A 329 5.19 9.90 13.03
CA ASN A 329 6.29 9.97 13.97
C ASN A 329 7.48 10.67 13.33
N GLU A 330 8.30 11.19 14.22
CA GLU A 330 9.62 11.68 13.91
C GLU A 330 10.54 11.18 15.02
N TYR A 331 11.80 10.86 14.69
CA TYR A 331 12.77 10.43 15.68
C TYR A 331 14.00 11.33 15.53
N ILE A 332 14.58 11.71 16.66
CA ILE A 332 15.72 12.61 16.68
C ILE A 332 16.74 12.04 17.65
N VAL A 333 17.96 11.86 17.16
CA VAL A 333 19.09 11.51 17.99
C VAL A 333 20.05 12.70 17.95
N TYR A 334 20.83 12.91 19.00
CA TYR A 334 21.64 14.11 19.13
C TYR A 334 23.14 13.76 19.11
N ASN A 335 23.47 12.54 18.71
CA ASN A 335 24.87 12.13 18.50
C ASN A 335 24.96 11.30 17.22
N PRO A 336 25.84 11.67 16.26
CA PRO A 336 26.05 10.83 15.08
C PRO A 336 26.42 9.37 15.37
N ASN A 337 26.97 9.06 16.57
CA ASN A 337 27.33 7.68 16.89
C ASN A 337 26.09 6.84 17.19
N GLN A 338 24.89 7.43 17.11
CA GLN A 338 23.66 6.65 17.10
C GLN A 338 23.17 6.36 15.68
N VAL A 339 24.00 6.61 14.67
CA VAL A 339 23.58 6.42 13.28
C VAL A 339 24.61 5.55 12.55
N ARG A 340 24.14 4.55 11.82
CA ARG A 340 24.92 3.87 10.79
C ARG A 340 24.14 3.86 9.47
N MET A 341 24.65 4.57 8.47
CA MET A 341 24.02 4.57 7.12
C MET A 341 24.13 3.17 6.48
N ARG A 342 23.04 2.67 5.91
CA ARG A 342 23.02 1.27 5.41
C ARG A 342 22.63 1.16 3.93
N TYR A 343 21.57 1.83 3.52
CA TYR A 343 21.12 1.77 2.11
C TYR A 343 20.85 3.15 1.52
N LEU A 344 21.27 3.34 0.27
CA LEU A 344 20.94 4.56 -0.48
C LEU A 344 20.03 4.11 -1.63
N LEU A 345 18.82 4.62 -1.65
CA LEU A 345 17.82 4.31 -2.67
C LEU A 345 17.83 5.42 -3.70
N LYS A 346 17.81 5.02 -4.96
CA LYS A 346 17.58 5.97 -6.04
C LYS A 346 16.11 5.83 -6.44
N VAL A 347 15.35 6.91 -6.26
CA VAL A 347 13.90 6.85 -6.28
C VAL A 347 13.41 7.78 -7.38
N GLN A 348 12.48 7.27 -8.22
CA GLN A 348 11.77 8.13 -9.16
C GLN A 348 10.43 8.53 -8.53
N PHE A 349 10.15 9.83 -8.59
CA PHE A 349 8.91 10.42 -8.09
C PHE A 349 7.92 10.55 -9.25
N ASN A 350 6.78 9.89 -9.11
CA ASN A 350 5.76 9.86 -10.14
C ASN A 350 4.64 10.80 -9.72
N PHE A 351 4.69 12.05 -10.21
CA PHE A 351 3.80 13.12 -9.77
C PHE A 351 2.46 13.08 -10.50
N LEU A 352 1.43 13.61 -9.83
CA LEU A 352 0.07 13.64 -10.36
C LEU A 352 -0.16 14.88 -11.24
N GLN A 353 -1.43 15.14 -11.59
CA GLN A 353 -1.86 15.91 -12.75
C GLN A 353 -1.48 15.11 -14.00
N GLY B 1 -2.00 17.74 -1.10
CA GLY B 1 -2.14 16.59 -2.01
C GLY B 1 -3.60 16.15 -2.12
N PRO B 2 -3.92 15.24 -3.07
CA PRO B 2 -5.28 14.72 -3.25
C PRO B 2 -5.88 14.25 -1.93
N GLU B 3 -7.17 14.55 -1.75
CA GLU B 3 -7.89 14.18 -0.54
C GLU B 3 -9.26 13.62 -0.92
N SER B 4 -9.63 12.49 -0.33
CA SER B 4 -10.88 11.84 -0.67
C SER B 4 -12.02 12.60 -0.05
N GLN B 5 -13.07 12.79 -0.86
CA GLN B 5 -14.31 13.43 -0.44
C GLN B 5 -15.35 12.37 -0.08
N LEU B 6 -14.99 11.08 -0.10
CA LEU B 6 -15.98 10.03 0.15
C LEU B 6 -16.19 9.90 1.65
N ASP B 7 -17.30 9.30 2.05
CA ASP B 7 -17.48 8.81 3.40
C ASP B 7 -16.30 7.92 3.77
N LEU B 8 -15.81 8.07 5.00
CA LEU B 8 -14.65 7.34 5.48
C LEU B 8 -14.82 5.82 5.34
N ARG B 9 -16.05 5.32 5.54
CA ARG B 9 -16.33 3.90 5.45
C ARG B 9 -16.21 3.40 4.01
N VAL B 10 -16.64 4.24 3.06
CA VAL B 10 -16.49 3.90 1.66
C VAL B 10 -15.01 3.99 1.29
N GLN B 11 -14.28 4.95 1.87
CA GLN B 11 -12.85 5.06 1.61
C GLN B 11 -12.17 3.73 1.96
N GLU B 12 -12.40 3.23 3.17
CA GLU B 12 -11.77 2.00 3.65
C GLU B 12 -12.17 0.81 2.79
N LEU B 13 -13.44 0.75 2.37
CA LEU B 13 -13.90 -0.31 1.48
C LEU B 13 -13.13 -0.27 0.17
N ILE B 14 -13.04 0.90 -0.43
CA ILE B 14 -12.37 1.03 -1.74
C ILE B 14 -10.91 0.63 -1.62
N LYS B 15 -10.24 1.09 -0.56
CA LYS B 15 -8.85 0.76 -0.31
C LYS B 15 -8.64 -0.75 -0.23
N LEU B 16 -9.56 -1.45 0.43
CA LEU B 16 -9.46 -2.90 0.57
C LEU B 16 -9.54 -3.59 -0.78
N ILE B 17 -10.55 -3.23 -1.57
CA ILE B 17 -10.84 -4.00 -2.76
C ILE B 17 -9.94 -3.63 -3.93
N CYS B 18 -9.29 -2.46 -3.87
CA CYS B 18 -8.43 -2.00 -4.94
C CYS B 18 -6.94 -2.26 -4.65
N ASN B 19 -6.62 -2.93 -3.55
CA ASN B 19 -5.23 -3.15 -3.20
C ASN B 19 -4.63 -4.22 -4.11
N VAL B 20 -3.74 -3.80 -5.03
CA VAL B 20 -3.16 -4.72 -6.01
C VAL B 20 -2.15 -5.68 -5.38
N GLN B 21 -1.45 -5.26 -4.34
CA GLN B 21 -0.52 -6.13 -3.65
C GLN B 21 -1.27 -7.29 -3.03
N ALA B 22 -2.41 -7.03 -2.37
CA ALA B 22 -3.27 -8.09 -1.88
C ALA B 22 -3.68 -9.08 -2.98
N MET B 23 -3.96 -8.58 -4.19
CA MET B 23 -4.33 -9.47 -5.28
C MET B 23 -3.15 -10.35 -5.67
N GLU B 24 -1.94 -9.76 -5.66
CA GLU B 24 -0.71 -10.49 -5.94
C GLU B 24 -0.50 -11.60 -4.93
N GLU B 25 -0.64 -11.28 -3.63
CA GLU B 25 -0.50 -12.28 -2.56
C GLU B 25 -1.51 -13.39 -2.68
N MET B 26 -2.77 -13.05 -2.91
CA MET B 26 -3.80 -14.06 -3.03
C MET B 26 -3.45 -14.99 -4.20
N MET B 27 -3.02 -14.44 -5.35
CA MET B 27 -2.75 -15.30 -6.50
C MET B 27 -1.51 -16.18 -6.22
N MET B 28 -0.52 -15.62 -5.55
CA MET B 28 0.64 -16.38 -5.16
C MET B 28 0.25 -17.55 -4.25
N GLU B 29 -0.71 -17.32 -3.34
CA GLU B 29 -1.23 -18.35 -2.45
C GLU B 29 -1.92 -19.47 -3.25
N MET B 30 -2.49 -19.13 -4.40
CA MET B 30 -3.11 -20.14 -5.26
C MET B 30 -2.08 -20.78 -6.19
N LYS B 31 -0.80 -20.44 -6.02
CA LYS B 31 0.34 -21.03 -6.74
C LYS B 31 0.50 -20.46 -8.15
N TYR B 32 -0.18 -19.34 -8.45
CA TYR B 32 0.02 -18.63 -9.71
C TYR B 32 1.38 -17.92 -9.70
N ASN B 33 2.06 -17.93 -10.85
CA ASN B 33 3.41 -17.38 -10.92
C ASN B 33 3.34 -15.90 -11.31
N THR B 34 3.19 -15.02 -10.31
CA THR B 34 3.04 -13.60 -10.57
C THR B 34 4.36 -12.95 -10.96
N LYS B 35 5.49 -13.63 -10.77
CA LYS B 35 6.77 -13.04 -11.16
C LYS B 35 6.94 -13.25 -12.66
N LYS B 36 6.66 -14.46 -13.12
CA LYS B 36 6.69 -14.77 -14.55
C LYS B 36 5.57 -14.08 -15.30
N ALA B 37 4.35 -14.01 -14.72
CA ALA B 37 3.19 -13.45 -15.40
C ALA B 37 2.55 -12.38 -14.55
N PRO B 38 3.12 -11.16 -14.53
CA PRO B 38 2.61 -10.08 -13.67
C PRO B 38 1.14 -9.81 -13.97
N LEU B 39 0.41 -9.47 -12.91
CA LEU B 39 -1.02 -9.26 -13.04
C LEU B 39 -1.31 -8.06 -13.95
N GLY B 40 -0.40 -7.10 -14.02
CA GLY B 40 -0.46 -5.97 -14.94
C GLY B 40 -0.56 -6.40 -16.41
N LYS B 41 -0.10 -7.61 -16.71
CA LYS B 41 -0.08 -8.13 -18.08
C LYS B 41 -1.20 -9.13 -18.35
N LEU B 42 -2.05 -9.47 -17.36
CA LEU B 42 -3.27 -10.26 -17.58
C LEU B 42 -4.13 -9.68 -18.70
N THR B 43 -4.64 -10.56 -19.58
CA THR B 43 -5.63 -10.18 -20.58
C THR B 43 -6.79 -11.17 -20.55
N VAL B 44 -7.94 -10.76 -21.11
CA VAL B 44 -9.11 -11.62 -21.21
C VAL B 44 -8.81 -12.84 -22.08
N ALA B 45 -8.03 -12.63 -23.14
CA ALA B 45 -7.58 -13.66 -24.06
C ALA B 45 -6.80 -14.77 -23.36
N GLN B 46 -5.77 -14.42 -22.57
CA GLN B 46 -5.01 -15.40 -21.79
C GLN B 46 -5.93 -16.23 -20.91
N ILE B 47 -6.91 -15.59 -20.24
CA ILE B 47 -7.81 -16.26 -19.32
C ILE B 47 -8.79 -17.16 -20.06
N LYS B 48 -9.37 -16.68 -21.17
CA LYS B 48 -10.21 -17.54 -21.98
C LYS B 48 -9.38 -18.72 -22.48
N ALA B 49 -8.14 -18.49 -22.89
CA ALA B 49 -7.27 -19.58 -23.30
C ALA B 49 -7.13 -20.61 -22.17
N GLY B 50 -6.98 -20.12 -20.93
CA GLY B 50 -6.85 -20.98 -19.76
C GLY B 50 -8.08 -21.86 -19.63
N TYR B 51 -9.27 -21.29 -19.77
CA TYR B 51 -10.49 -22.06 -19.71
C TYR B 51 -10.53 -23.12 -20.80
N GLN B 52 -10.07 -22.78 -22.01
CA GLN B 52 -10.11 -23.70 -23.14
C GLN B 52 -9.18 -24.90 -22.88
N SER B 53 -7.99 -24.65 -22.34
CA SER B 53 -7.07 -25.72 -21.96
C SER B 53 -7.66 -26.62 -20.87
N LEU B 54 -8.37 -26.02 -19.91
CA LEU B 54 -9.06 -26.78 -18.87
C LEU B 54 -10.12 -27.67 -19.50
N LYS B 55 -10.85 -27.14 -20.48
CA LYS B 55 -11.86 -27.93 -21.18
C LYS B 55 -11.22 -29.14 -21.88
N LYS B 56 -10.03 -28.94 -22.42
CA LYS B 56 -9.33 -30.00 -23.13
C LYS B 56 -8.84 -31.06 -22.13
N ILE B 57 -8.43 -30.61 -20.94
CA ILE B 57 -8.14 -31.54 -19.86
C ILE B 57 -9.41 -32.33 -19.55
N GLU B 58 -10.57 -31.66 -19.47
CA GLU B 58 -11.83 -32.34 -19.22
C GLU B 58 -12.06 -33.42 -20.29
N ASP B 59 -11.76 -33.12 -21.55
CA ASP B 59 -11.91 -34.07 -22.64
C ASP B 59 -10.98 -35.25 -22.44
N CYS B 60 -9.74 -34.99 -22.01
CA CYS B 60 -8.79 -36.06 -21.78
C CYS B 60 -9.29 -37.00 -20.70
N ILE B 61 -9.74 -36.43 -19.58
CA ILE B 61 -10.24 -37.21 -18.47
C ILE B 61 -11.45 -38.02 -18.88
N ARG B 62 -12.36 -37.41 -19.64
CA ARG B 62 -13.54 -38.10 -20.12
C ARG B 62 -13.15 -39.29 -21.00
N ALA B 63 -12.12 -39.13 -21.83
CA ALA B 63 -11.70 -40.12 -22.82
C ALA B 63 -10.81 -41.21 -22.21
N GLY B 64 -10.52 -41.10 -20.91
CA GLY B 64 -9.66 -42.02 -20.18
C GLY B 64 -8.19 -41.86 -20.55
N GLN B 65 -7.79 -40.65 -20.96
CA GLN B 65 -6.42 -40.41 -21.39
C GLN B 65 -5.61 -39.85 -20.24
N HIS B 66 -4.71 -40.67 -19.68
CA HIS B 66 -3.89 -40.25 -18.54
C HIS B 66 -2.42 -40.18 -18.94
N GLY B 67 -2.11 -40.39 -20.22
CA GLY B 67 -0.73 -40.40 -20.68
C GLY B 67 -0.35 -39.10 -21.37
N ARG B 68 0.26 -39.25 -22.55
CA ARG B 68 0.82 -38.14 -23.28
C ARG B 68 -0.23 -37.07 -23.60
N ALA B 69 -1.46 -37.46 -23.88
CA ALA B 69 -2.47 -36.48 -24.25
C ALA B 69 -2.78 -35.57 -23.05
N LEU B 70 -2.96 -36.16 -21.86
CA LEU B 70 -3.23 -35.40 -20.66
C LEU B 70 -2.01 -34.54 -20.30
N MET B 71 -0.81 -35.08 -20.48
CA MET B 71 0.40 -34.36 -20.18
C MET B 71 0.51 -33.12 -21.07
N GLU B 72 0.14 -33.28 -22.34
CA GLU B 72 0.19 -32.19 -23.30
C GLU B 72 -0.87 -31.12 -23.00
N ALA B 73 -2.11 -31.55 -22.68
CA ALA B 73 -3.16 -30.61 -22.29
C ALA B 73 -2.73 -29.79 -21.07
N CYS B 74 -2.14 -30.45 -20.06
CA CYS B 74 -1.77 -29.81 -18.80
C CYS B 74 -0.61 -28.83 -19.04
N ASN B 75 0.34 -29.22 -19.90
CA ASN B 75 1.47 -28.37 -20.29
C ASN B 75 0.98 -27.10 -20.98
N GLU B 76 -0.03 -27.22 -21.83
CA GLU B 76 -0.68 -26.07 -22.44
C GLU B 76 -1.32 -25.16 -21.37
N PHE B 77 -2.10 -25.75 -20.46
CA PHE B 77 -2.77 -24.97 -19.42
C PHE B 77 -1.75 -24.21 -18.58
N TYR B 78 -0.68 -24.91 -18.20
CA TYR B 78 0.35 -24.34 -17.34
C TYR B 78 1.22 -23.35 -18.11
N THR B 79 1.22 -23.42 -19.44
CA THR B 79 1.93 -22.41 -20.22
C THR B 79 1.15 -21.09 -20.21
N ARG B 80 -0.17 -21.18 -20.39
CA ARG B 80 -1.03 -20.01 -20.51
C ARG B 80 -1.34 -19.42 -19.13
N ILE B 81 -1.45 -20.29 -18.12
CA ILE B 81 -1.71 -19.90 -16.75
C ILE B 81 -0.56 -20.39 -15.88
N PRO B 82 0.55 -19.64 -15.80
CA PRO B 82 1.74 -20.13 -15.12
C PRO B 82 1.55 -20.30 -13.61
N HIS B 83 2.05 -21.42 -13.11
CA HIS B 83 2.04 -21.78 -11.70
C HIS B 83 3.47 -21.98 -11.25
N ASP B 84 3.70 -21.82 -9.94
CA ASP B 84 5.01 -22.07 -9.35
C ASP B 84 4.88 -23.11 -8.25
N PHE B 85 5.27 -24.37 -8.55
CA PHE B 85 5.18 -25.45 -7.57
C PHE B 85 6.53 -25.78 -6.97
N GLY B 86 7.53 -24.92 -7.20
CA GLY B 86 8.86 -25.09 -6.66
C GLY B 86 9.71 -25.95 -7.60
N LEU B 87 10.33 -27.01 -7.04
CA LEU B 87 11.16 -27.91 -7.82
C LEU B 87 10.45 -29.23 -8.11
N ARG B 88 9.11 -29.24 -8.12
CA ARG B 88 8.35 -30.35 -8.68
C ARG B 88 7.92 -30.01 -10.10
N THR B 89 7.77 -31.04 -10.93
CA THR B 89 7.00 -30.88 -12.16
C THR B 89 5.57 -30.48 -11.75
N PRO B 90 4.98 -29.45 -12.37
CA PRO B 90 3.61 -29.07 -12.09
C PRO B 90 2.74 -30.31 -12.25
N PRO B 91 1.84 -30.62 -11.28
CA PRO B 91 1.13 -31.91 -11.27
C PRO B 91 0.09 -31.93 -12.37
N LEU B 92 -0.19 -33.12 -12.91
CA LEU B 92 -1.31 -33.30 -13.81
C LEU B 92 -2.61 -33.08 -13.05
N ILE B 93 -3.58 -32.51 -13.78
CA ILE B 93 -4.95 -32.43 -13.34
C ILE B 93 -5.64 -33.70 -13.87
N ARG B 94 -5.98 -34.63 -12.97
CA ARG B 94 -6.35 -35.98 -13.36
C ARG B 94 -7.82 -36.32 -13.10
N THR B 95 -8.50 -35.51 -12.29
CA THR B 95 -9.82 -35.88 -11.82
C THR B 95 -10.75 -34.67 -11.96
N GLN B 96 -12.05 -34.98 -12.02
CA GLN B 96 -13.06 -33.94 -12.08
C GLN B 96 -12.89 -32.97 -10.91
N LYS B 97 -12.61 -33.49 -9.70
CA LYS B 97 -12.52 -32.64 -8.52
C LYS B 97 -11.35 -31.66 -8.67
N GLU B 98 -10.18 -32.12 -9.11
CA GLU B 98 -9.05 -31.22 -9.30
C GLU B 98 -9.40 -30.13 -10.31
N LEU B 99 -10.01 -30.55 -11.44
CA LEU B 99 -10.45 -29.66 -12.51
C LEU B 99 -11.40 -28.60 -11.96
N SER B 100 -12.45 -29.00 -11.22
CA SER B 100 -13.42 -28.08 -10.66
C SER B 100 -12.78 -27.12 -9.63
N GLU B 101 -11.77 -27.57 -8.86
CA GLU B 101 -11.10 -26.72 -7.88
C GLU B 101 -10.18 -25.71 -8.58
N LYS B 102 -9.80 -25.96 -9.82
CA LYS B 102 -8.99 -25.01 -10.59
C LYS B 102 -9.82 -23.80 -11.07
N ILE B 103 -11.16 -23.92 -11.06
CA ILE B 103 -12.01 -22.92 -11.67
C ILE B 103 -11.86 -21.59 -10.93
N GLN B 104 -11.76 -21.64 -9.60
CA GLN B 104 -11.68 -20.44 -8.78
C GLN B 104 -10.45 -19.62 -9.10
N LEU B 105 -9.37 -20.26 -9.57
CA LEU B 105 -8.16 -19.55 -9.96
C LEU B 105 -8.45 -18.67 -11.17
N LEU B 106 -9.11 -19.23 -12.17
CA LEU B 106 -9.38 -18.51 -13.41
C LEU B 106 -10.43 -17.43 -13.16
N GLU B 107 -11.43 -17.71 -12.30
CA GLU B 107 -12.39 -16.70 -11.89
C GLU B 107 -11.69 -15.54 -11.18
N ALA B 108 -10.71 -15.84 -10.34
CA ALA B 108 -9.97 -14.77 -9.68
C ALA B 108 -9.21 -13.92 -10.70
N LEU B 109 -8.50 -14.57 -11.61
CA LEU B 109 -7.74 -13.87 -12.61
C LEU B 109 -8.68 -12.96 -13.40
N GLY B 110 -9.86 -13.48 -13.77
CA GLY B 110 -10.90 -12.72 -14.44
C GLY B 110 -11.25 -11.43 -13.72
N ASP B 111 -11.49 -11.55 -12.41
CA ASP B 111 -11.88 -10.41 -11.60
C ASP B 111 -10.70 -9.47 -11.37
N ILE B 112 -9.47 -10.01 -11.37
CA ILE B 112 -8.29 -9.20 -11.17
C ILE B 112 -7.97 -8.40 -12.43
N GLU B 113 -8.16 -9.02 -13.59
CA GLU B 113 -8.00 -8.31 -14.84
C GLU B 113 -8.90 -7.07 -14.84
N ILE B 114 -10.18 -7.21 -14.45
CA ILE B 114 -11.09 -6.07 -14.35
C ILE B 114 -10.53 -5.03 -13.38
N ALA B 115 -10.07 -5.47 -12.22
CA ALA B 115 -9.61 -4.57 -11.17
C ALA B 115 -8.42 -3.74 -11.67
N ILE B 116 -7.47 -4.42 -12.30
CA ILE B 116 -6.27 -3.75 -12.75
C ILE B 116 -6.59 -2.72 -13.83
N LYS B 117 -7.47 -3.05 -14.77
CA LYS B 117 -7.91 -2.12 -15.80
C LYS B 117 -8.60 -0.89 -15.15
N LEU B 118 -9.36 -1.12 -14.07
CA LEU B 118 -10.04 -0.04 -13.39
C LEU B 118 -9.03 0.86 -12.68
N VAL B 119 -8.08 0.28 -11.93
CA VAL B 119 -7.15 1.10 -11.18
C VAL B 119 -6.23 1.86 -12.14
N LYS B 120 -5.86 1.24 -13.26
CA LYS B 120 -5.02 1.88 -14.27
C LYS B 120 -5.77 2.96 -15.07
N SER B 121 -7.10 3.05 -14.94
CA SER B 121 -7.91 4.01 -15.69
C SER B 121 -7.83 5.38 -15.04
N GLU B 122 -7.24 5.38 -13.86
CA GLU B 122 -7.10 6.60 -13.06
C GLU B 122 -6.27 7.67 -13.79
N ARG B 123 -6.75 8.89 -13.77
CA ARG B 123 -5.94 10.02 -14.26
C ARG B 123 -5.30 10.62 -13.01
N GLN B 124 -4.08 10.20 -12.67
CA GLN B 124 -3.39 10.66 -11.47
C GLN B 124 -4.12 11.83 -10.80
N GLY B 125 -3.85 13.07 -11.24
CA GLY B 125 -4.67 14.26 -10.97
C GLY B 125 -4.76 14.68 -9.49
N LEU B 126 -5.54 15.74 -9.22
CA LEU B 126 -5.77 16.15 -7.84
C LEU B 126 -6.92 15.36 -7.20
N GLU B 127 -7.78 14.73 -8.00
CA GLU B 127 -8.82 13.87 -7.45
C GLU B 127 -8.20 12.63 -6.84
N HIS B 128 -8.54 12.36 -5.57
CA HIS B 128 -7.97 11.20 -4.90
C HIS B 128 -8.24 9.93 -5.69
N PRO B 129 -7.26 9.01 -5.85
CA PRO B 129 -7.52 7.70 -6.50
C PRO B 129 -8.75 6.93 -5.99
N LEU B 130 -8.99 6.92 -4.69
CA LEU B 130 -10.16 6.21 -4.17
C LEU B 130 -11.46 6.76 -4.77
N ASP B 131 -11.55 8.08 -4.96
CA ASP B 131 -12.79 8.68 -5.47
C ASP B 131 -12.95 8.29 -6.93
N GLN B 132 -11.82 8.24 -7.65
CA GLN B 132 -11.85 7.85 -9.06
C GLN B 132 -12.24 6.38 -9.14
N HIS B 133 -11.65 5.54 -8.30
CA HIS B 133 -11.95 4.11 -8.36
C HIS B 133 -13.43 3.87 -8.08
N TYR B 134 -13.95 4.53 -7.04
CA TYR B 134 -15.36 4.42 -6.72
C TYR B 134 -16.24 4.82 -7.89
N ARG B 135 -16.02 6.02 -8.45
CA ARG B 135 -16.78 6.47 -9.60
C ARG B 135 -16.71 5.45 -10.74
N ASN B 136 -15.54 4.84 -10.95
CA ASN B 136 -15.34 3.94 -12.08
C ASN B 136 -15.99 2.57 -11.88
N LEU B 137 -16.40 2.25 -10.65
CA LEU B 137 -17.21 1.06 -10.36
C LEU B 137 -18.59 1.13 -11.00
N HIS B 138 -19.16 2.33 -11.11
CA HIS B 138 -20.54 2.49 -11.54
C HIS B 138 -21.43 1.61 -10.71
N CYS B 139 -21.26 1.75 -9.40
CA CYS B 139 -21.99 0.99 -8.40
C CYS B 139 -22.02 1.82 -7.13
N ALA B 140 -23.21 2.28 -6.74
CA ALA B 140 -23.35 3.07 -5.54
C ALA B 140 -23.19 2.17 -4.33
N LEU B 141 -22.54 2.70 -3.27
CA LEU B 141 -22.30 1.99 -2.03
C LEU B 141 -22.61 2.99 -0.92
N ARG B 142 -23.76 2.84 -0.26
CA ARG B 142 -24.25 3.86 0.66
C ARG B 142 -24.27 3.28 2.07
N PRO B 143 -23.41 3.75 2.98
CA PRO B 143 -23.33 3.23 4.33
C PRO B 143 -24.66 3.42 5.04
N LEU B 144 -25.09 2.43 5.82
CA LEU B 144 -26.34 2.50 6.56
C LEU B 144 -26.03 2.64 8.06
N ASP B 145 -26.98 3.23 8.79
CA ASP B 145 -26.86 3.49 10.20
C ASP B 145 -26.88 2.15 10.94
N HIS B 146 -26.12 2.03 12.03
CA HIS B 146 -26.14 0.80 12.81
C HIS B 146 -27.49 0.54 13.48
N GLU B 147 -28.32 1.56 13.62
CA GLU B 147 -29.63 1.44 14.32
C GLU B 147 -30.78 1.38 13.31
N SER B 148 -30.46 1.37 12.02
CA SER B 148 -31.48 1.20 11.00
C SER B 148 -32.10 -0.20 11.13
N TYR B 149 -33.31 -0.35 10.59
CA TYR B 149 -33.99 -1.64 10.55
C TYR B 149 -33.20 -2.62 9.69
N GLU B 150 -32.61 -2.13 8.60
CA GLU B 150 -31.82 -2.96 7.70
C GLU B 150 -30.65 -3.56 8.45
N PHE B 151 -29.90 -2.72 9.17
CA PHE B 151 -28.75 -3.21 9.90
C PHE B 151 -29.19 -4.29 10.89
N LYS B 152 -30.32 -4.04 11.55
CA LYS B 152 -30.80 -4.91 12.62
C LYS B 152 -31.22 -6.26 12.04
N VAL B 153 -31.98 -6.23 10.94
CA VAL B 153 -32.41 -7.47 10.32
C VAL B 153 -31.19 -8.20 9.76
N ILE B 154 -30.28 -7.46 9.12
CA ILE B 154 -29.17 -8.13 8.46
C ILE B 154 -28.21 -8.70 9.49
N SER B 155 -27.97 -7.95 10.58
CA SER B 155 -27.16 -8.48 11.66
C SER B 155 -27.75 -9.79 12.20
N GLN B 156 -29.07 -9.84 12.45
CA GLN B 156 -29.70 -11.09 12.89
C GLN B 156 -29.53 -12.21 11.87
N TYR B 157 -29.70 -11.89 10.58
CA TYR B 157 -29.51 -12.83 9.48
C TYR B 157 -28.09 -13.39 9.51
N LEU B 158 -27.10 -12.50 9.65
CA LEU B 158 -25.70 -12.94 9.72
C LEU B 158 -25.50 -13.96 10.85
N GLN B 159 -25.99 -13.60 12.03
CA GLN B 159 -25.71 -14.40 13.21
C GLN B 159 -26.56 -15.67 13.21
N SER B 160 -27.85 -15.54 12.90
CA SER B 160 -28.78 -16.64 13.12
C SER B 160 -28.55 -17.75 12.09
N THR B 161 -27.87 -17.45 10.98
CA THR B 161 -27.62 -18.46 9.96
C THR B 161 -26.14 -18.80 9.88
N HIS B 162 -25.35 -18.42 10.90
CA HIS B 162 -24.03 -19.01 11.06
C HIS B 162 -24.20 -20.49 11.44
N ALA B 163 -23.56 -21.38 10.66
CA ALA B 163 -23.85 -22.80 10.67
C ALA B 163 -23.07 -23.44 11.79
N PRO B 164 -23.66 -24.46 12.49
CA PRO B 164 -23.01 -25.05 13.67
C PRO B 164 -21.72 -25.80 13.33
N THR B 165 -21.54 -26.19 12.05
CA THR B 165 -20.33 -26.88 11.61
C THR B 165 -19.23 -25.91 11.18
N HIS B 166 -19.54 -24.61 11.08
CA HIS B 166 -18.50 -23.62 10.77
C HIS B 166 -18.10 -22.89 12.05
N SER B 167 -17.58 -23.67 13.01
CA SER B 167 -17.51 -23.31 14.42
C SER B 167 -16.15 -22.70 14.74
N ASP B 168 -15.25 -22.76 13.74
CA ASP B 168 -13.89 -22.26 13.81
C ASP B 168 -13.83 -20.72 13.84
N TYR B 169 -14.97 -20.04 13.75
CA TYR B 169 -14.98 -18.58 13.80
C TYR B 169 -16.36 -18.06 14.15
N THR B 170 -16.39 -16.83 14.69
CA THR B 170 -17.57 -16.01 14.69
C THR B 170 -17.33 -14.83 13.74
N MET B 171 -18.38 -14.05 13.51
CA MET B 171 -18.32 -12.91 12.61
C MET B 171 -18.91 -11.72 13.33
N THR B 172 -18.26 -10.57 13.14
CA THR B 172 -18.73 -9.29 13.64
C THR B 172 -18.99 -8.38 12.43
N LEU B 173 -20.19 -7.79 12.38
CA LEU B 173 -20.52 -6.83 11.34
C LEU B 173 -19.96 -5.44 11.65
N LEU B 174 -18.93 -5.03 10.90
CA LEU B 174 -18.31 -3.71 11.03
C LEU B 174 -19.12 -2.63 10.31
N ASP B 175 -19.39 -2.84 9.02
CA ASP B 175 -20.01 -1.81 8.20
C ASP B 175 -21.01 -2.48 7.26
N LEU B 176 -22.09 -1.77 6.95
CA LEU B 176 -23.10 -2.24 6.03
C LEU B 176 -23.37 -1.17 5.00
N PHE B 177 -23.40 -1.57 3.72
CA PHE B 177 -23.59 -0.64 2.62
C PHE B 177 -24.78 -1.12 1.79
N GLU B 178 -25.64 -0.17 1.43
CA GLU B 178 -26.62 -0.41 0.41
C GLU B 178 -25.89 -0.37 -0.93
N VAL B 179 -26.21 -1.35 -1.80
CA VAL B 179 -25.57 -1.51 -3.10
C VAL B 179 -26.59 -1.16 -4.18
N GLU B 180 -26.23 -0.30 -5.15
CA GLU B 180 -27.10 -0.08 -6.28
C GLU B 180 -26.28 -0.04 -7.56
N LYS B 181 -26.30 -1.15 -8.30
CA LYS B 181 -25.56 -1.28 -9.54
C LYS B 181 -26.50 -0.92 -10.68
N ASP B 182 -26.06 0.01 -11.52
CA ASP B 182 -26.93 0.56 -12.56
C ASP B 182 -27.35 -0.56 -13.50
N GLY B 183 -28.61 -0.51 -13.89
CA GLY B 183 -29.17 -1.48 -14.82
C GLY B 183 -29.81 -2.68 -14.13
N GLU B 184 -29.44 -2.99 -12.87
CA GLU B 184 -29.91 -4.22 -12.25
C GLU B 184 -31.38 -4.14 -11.90
N LYS B 185 -31.82 -2.98 -11.41
CA LYS B 185 -33.21 -2.77 -11.08
C LYS B 185 -34.05 -2.90 -12.36
N GLU B 186 -33.53 -2.38 -13.47
CA GLU B 186 -34.25 -2.34 -14.75
C GLU B 186 -34.41 -3.74 -15.36
N ALA B 187 -33.42 -4.60 -15.15
CA ALA B 187 -33.42 -5.93 -15.75
C ALA B 187 -34.16 -6.93 -14.87
N PHE B 188 -34.28 -6.63 -13.58
CA PHE B 188 -34.65 -7.62 -12.58
C PHE B 188 -36.02 -8.24 -12.85
N ARG B 189 -36.12 -9.57 -12.70
CA ARG B 189 -37.38 -10.30 -12.82
C ARG B 189 -38.27 -10.11 -11.58
N GLU B 190 -38.89 -8.93 -11.50
CA GLU B 190 -39.75 -8.58 -10.38
C GLU B 190 -41.02 -9.42 -10.36
N ASP B 191 -41.42 -9.98 -11.51
CA ASP B 191 -42.63 -10.79 -11.63
C ASP B 191 -42.48 -12.15 -10.96
N LEU B 192 -41.28 -12.73 -10.84
CA LEU B 192 -41.13 -14.08 -10.32
C LEU B 192 -41.42 -14.12 -8.82
N HIS B 193 -42.13 -15.17 -8.38
CA HIS B 193 -42.35 -15.44 -6.96
C HIS B 193 -41.09 -16.07 -6.36
N ASN B 194 -41.08 -16.22 -5.03
CA ASN B 194 -39.95 -16.83 -4.32
C ASN B 194 -38.71 -15.94 -4.43
N ARG B 195 -38.91 -14.64 -4.20
CA ARG B 195 -37.83 -13.68 -4.20
C ARG B 195 -37.24 -13.67 -2.80
N MET B 196 -35.96 -14.04 -2.69
CA MET B 196 -35.32 -14.20 -1.40
C MET B 196 -34.07 -13.33 -1.33
N LEU B 197 -33.72 -12.85 -0.14
CA LEU B 197 -32.44 -12.19 0.11
C LEU B 197 -31.40 -13.22 0.54
N LEU B 198 -30.43 -13.48 -0.35
CA LEU B 198 -29.48 -14.55 -0.16
C LEU B 198 -28.02 -14.06 -0.20
N TRP B 199 -27.15 -14.90 0.37
CA TRP B 199 -25.74 -14.60 0.58
C TRP B 199 -24.89 -14.99 -0.62
N HIS B 200 -23.79 -14.26 -0.77
CA HIS B 200 -22.78 -14.58 -1.76
C HIS B 200 -21.44 -14.07 -1.24
N GLY B 201 -20.52 -15.02 -1.00
CA GLY B 201 -19.18 -14.69 -0.60
C GLY B 201 -18.15 -14.84 -1.73
N SER B 202 -17.06 -14.06 -1.59
CA SER B 202 -15.94 -14.12 -2.50
C SER B 202 -14.71 -13.54 -1.83
N ARG B 203 -13.53 -13.86 -2.36
CA ARG B 203 -12.27 -13.35 -1.84
C ARG B 203 -12.16 -11.84 -2.08
N MET B 204 -11.31 -11.16 -1.31
CA MET B 204 -11.28 -9.70 -1.31
C MET B 204 -10.98 -9.12 -2.70
N SER B 205 -10.20 -9.87 -3.48
CA SER B 205 -9.71 -9.39 -4.77
C SER B 205 -10.72 -9.60 -5.90
N ASN B 206 -11.90 -10.17 -5.59
CA ASN B 206 -12.93 -10.38 -6.61
C ASN B 206 -13.94 -9.23 -6.67
N TRP B 207 -13.95 -8.34 -5.68
CA TRP B 207 -15.10 -7.45 -5.48
C TRP B 207 -15.14 -6.31 -6.49
N VAL B 208 -13.99 -5.82 -6.99
CA VAL B 208 -14.00 -4.76 -7.98
C VAL B 208 -14.73 -5.31 -9.20
N GLY B 209 -14.42 -6.57 -9.54
CA GLY B 209 -15.08 -7.22 -10.66
C GLY B 209 -16.57 -7.39 -10.43
N ILE B 210 -16.96 -7.89 -9.26
CA ILE B 210 -18.36 -8.12 -8.93
C ILE B 210 -19.13 -6.80 -8.92
N LEU B 211 -18.56 -5.76 -8.29
CA LEU B 211 -19.32 -4.52 -8.14
C LEU B 211 -19.42 -3.77 -9.46
N SER B 212 -18.38 -3.81 -10.30
CA SER B 212 -18.39 -3.10 -11.56
C SER B 212 -19.10 -3.87 -12.67
N HIS B 213 -19.03 -5.20 -12.67
CA HIS B 213 -19.68 -5.98 -13.71
C HIS B 213 -20.91 -6.77 -13.23
N GLY B 214 -21.16 -6.86 -11.91
CA GLY B 214 -22.24 -7.68 -11.42
C GLY B 214 -21.83 -9.16 -11.30
N LEU B 215 -22.66 -9.97 -10.62
CA LEU B 215 -22.45 -11.42 -10.58
C LEU B 215 -22.67 -11.97 -12.00
N ARG B 216 -21.72 -12.80 -12.45
CA ARG B 216 -21.68 -13.30 -13.81
C ARG B 216 -21.69 -14.83 -13.80
N ILE B 217 -22.19 -15.41 -14.90
CA ILE B 217 -22.12 -16.84 -15.15
C ILE B 217 -20.75 -17.15 -15.78
N ALA B 218 -20.32 -18.39 -15.59
CA ALA B 218 -19.07 -18.88 -16.16
C ALA B 218 -19.10 -18.71 -17.67
N PRO B 219 -17.94 -18.55 -18.35
CA PRO B 219 -17.93 -18.37 -19.80
C PRO B 219 -18.19 -19.67 -20.55
N PRO B 220 -18.67 -19.62 -21.80
CA PRO B 220 -19.00 -20.84 -22.53
C PRO B 220 -17.77 -21.73 -22.70
N GLU B 221 -16.56 -21.16 -22.77
CA GLU B 221 -15.32 -21.92 -22.90
C GLU B 221 -15.06 -22.89 -21.74
N ALA B 222 -15.68 -22.65 -20.58
CA ALA B 222 -15.26 -23.37 -19.38
C ALA B 222 -15.81 -24.79 -19.42
N PRO B 223 -15.13 -25.79 -18.83
CA PRO B 223 -15.68 -27.14 -18.73
C PRO B 223 -16.88 -27.25 -17.78
N ILE B 224 -17.97 -27.89 -18.23
CA ILE B 224 -19.22 -27.88 -17.49
C ILE B 224 -19.03 -28.62 -16.16
N THR B 225 -18.15 -29.63 -16.14
CA THR B 225 -18.02 -30.52 -14.99
C THR B 225 -17.29 -29.77 -13.86
N GLY B 226 -16.78 -28.58 -14.14
CA GLY B 226 -16.21 -27.74 -13.11
C GLY B 226 -17.27 -27.09 -12.23
N TYR B 227 -18.56 -27.27 -12.54
CA TYR B 227 -19.61 -26.53 -11.85
C TYR B 227 -20.66 -27.50 -11.35
N MET B 228 -20.84 -27.55 -10.02
CA MET B 228 -21.61 -28.61 -9.39
C MET B 228 -23.03 -28.66 -9.91
N PHE B 229 -23.65 -27.48 -10.08
CA PHE B 229 -25.00 -27.42 -10.63
C PHE B 229 -25.02 -26.61 -11.92
N GLY B 230 -23.91 -26.59 -12.65
CA GLY B 230 -23.86 -25.93 -13.95
C GLY B 230 -23.49 -24.45 -13.84
N LYS B 231 -23.58 -23.77 -14.99
CA LYS B 231 -23.02 -22.44 -15.14
C LYS B 231 -24.06 -21.41 -14.77
N GLY B 232 -24.20 -21.22 -13.45
CA GLY B 232 -25.13 -20.26 -12.88
C GLY B 232 -24.44 -19.39 -11.82
N ILE B 233 -25.25 -18.58 -11.14
CA ILE B 233 -24.79 -17.76 -10.04
C ILE B 233 -25.29 -18.42 -8.77
N TYR B 234 -24.38 -18.70 -7.84
CA TYR B 234 -24.70 -19.51 -6.69
C TYR B 234 -24.87 -18.66 -5.43
N PHE B 235 -25.85 -19.02 -4.59
CA PHE B 235 -26.15 -18.32 -3.35
C PHE B 235 -26.47 -19.30 -2.23
N ALA B 236 -26.24 -18.83 -1.00
CA ALA B 236 -26.52 -19.56 0.21
C ALA B 236 -27.65 -18.89 0.97
N ASP B 237 -28.33 -19.66 1.82
CA ASP B 237 -29.20 -19.07 2.85
C ASP B 237 -28.55 -19.12 4.24
N MET B 238 -27.33 -19.66 4.34
CA MET B 238 -26.59 -19.68 5.59
C MET B 238 -25.35 -18.81 5.43
N SER B 239 -25.23 -17.81 6.30
CA SER B 239 -24.22 -16.79 6.18
C SER B 239 -22.84 -17.43 6.14
N SER B 240 -22.65 -18.47 6.94
CA SER B 240 -21.34 -19.06 7.13
C SER B 240 -20.95 -19.90 5.92
N LYS B 241 -21.93 -20.44 5.19
CA LYS B 241 -21.63 -21.17 3.97
C LYS B 241 -20.98 -20.25 2.93
N SER B 242 -21.59 -19.07 2.76
CA SER B 242 -21.05 -18.04 1.90
C SER B 242 -19.74 -17.49 2.45
N ALA B 243 -19.68 -17.28 3.77
CA ALA B 243 -18.51 -16.62 4.34
C ALA B 243 -17.24 -17.44 4.12
N ASN B 244 -17.38 -18.76 4.05
CA ASN B 244 -16.23 -19.61 3.80
C ASN B 244 -15.59 -19.27 2.46
N TYR B 245 -16.37 -18.77 1.48
CA TYR B 245 -15.85 -18.40 0.17
C TYR B 245 -15.14 -17.05 0.21
N CYS B 246 -15.10 -16.40 1.38
CA CYS B 246 -14.23 -15.26 1.58
C CYS B 246 -12.78 -15.67 1.76
N PHE B 247 -12.55 -16.93 2.16
CA PHE B 247 -11.22 -17.43 2.47
C PHE B 247 -10.48 -16.42 3.35
N ALA B 248 -11.15 -15.96 4.42
CA ALA B 248 -10.49 -15.10 5.40
C ALA B 248 -9.55 -15.98 6.23
N SER B 249 -8.58 -15.34 6.88
CA SER B 249 -7.65 -16.07 7.73
C SER B 249 -7.32 -15.20 8.94
N ARG B 250 -6.54 -15.77 9.84
CA ARG B 250 -6.18 -15.09 11.08
C ARG B 250 -5.47 -13.79 10.75
N LEU B 251 -4.55 -13.86 9.77
CA LEU B 251 -3.74 -12.74 9.33
C LEU B 251 -4.56 -11.76 8.49
N LYS B 252 -5.56 -12.23 7.73
CA LYS B 252 -6.40 -11.35 6.92
C LYS B 252 -7.85 -11.64 7.24
N ASN B 253 -8.33 -11.03 8.32
CA ASN B 253 -9.56 -11.48 8.96
C ASN B 253 -10.71 -10.54 8.60
N THR B 254 -10.54 -9.70 7.56
CA THR B 254 -11.64 -8.95 7.01
C THR B 254 -12.11 -9.57 5.69
N GLY B 255 -13.42 -9.81 5.61
CA GLY B 255 -14.07 -10.29 4.39
C GLY B 255 -15.34 -9.49 4.09
N LEU B 256 -15.78 -9.55 2.82
CA LEU B 256 -17.06 -8.93 2.44
C LEU B 256 -18.06 -10.02 2.10
N LEU B 257 -19.31 -9.80 2.49
CA LEU B 257 -20.42 -10.67 2.13
C LEU B 257 -21.47 -9.81 1.43
N LEU B 258 -21.98 -10.32 0.30
CA LEU B 258 -23.01 -9.67 -0.45
C LEU B 258 -24.35 -10.34 -0.18
N LEU B 259 -25.37 -9.49 0.01
CA LEU B 259 -26.75 -9.90 -0.04
C LEU B 259 -27.40 -9.37 -1.31
N SER B 260 -28.03 -10.27 -2.06
CA SER B 260 -28.77 -9.95 -3.26
C SER B 260 -30.21 -10.44 -3.13
N GLU B 261 -31.12 -9.72 -3.77
CA GLU B 261 -32.47 -10.20 -4.01
C GLU B 261 -32.40 -11.18 -5.16
N VAL B 262 -32.82 -12.43 -4.93
CA VAL B 262 -32.73 -13.43 -5.98
C VAL B 262 -34.14 -13.88 -6.34
N ALA B 263 -34.47 -13.76 -7.63
CA ALA B 263 -35.79 -14.13 -8.14
C ALA B 263 -35.75 -15.62 -8.49
N LEU B 264 -36.13 -16.45 -7.53
CA LEU B 264 -35.94 -17.89 -7.69
C LEU B 264 -37.03 -18.50 -8.58
N GLY B 265 -38.22 -17.93 -8.53
CA GLY B 265 -39.40 -18.56 -9.11
C GLY B 265 -39.61 -19.98 -8.56
N GLN B 266 -39.84 -20.92 -9.47
CA GLN B 266 -39.99 -22.33 -9.14
C GLN B 266 -38.64 -23.01 -9.21
N CYS B 267 -38.21 -23.59 -8.09
CA CYS B 267 -36.93 -24.27 -8.01
C CYS B 267 -37.07 -25.73 -8.45
N ASN B 268 -36.07 -26.19 -9.19
CA ASN B 268 -35.84 -27.61 -9.40
C ASN B 268 -34.95 -28.07 -8.25
N GLU B 269 -35.53 -28.90 -7.36
CA GLU B 269 -34.84 -29.36 -6.16
C GLU B 269 -34.03 -30.62 -6.46
N LEU B 270 -32.73 -30.55 -6.15
CA LEU B 270 -31.80 -31.66 -6.36
C LEU B 270 -31.18 -32.06 -5.02
N LEU B 271 -30.96 -33.37 -4.84
CA LEU B 271 -30.34 -33.83 -3.60
C LEU B 271 -28.86 -34.11 -3.83
N GLU B 272 -28.43 -34.23 -5.09
CA GLU B 272 -27.02 -34.50 -5.38
C GLU B 272 -26.55 -33.67 -6.58
N ALA B 273 -25.23 -33.54 -6.68
CA ALA B 273 -24.54 -32.78 -7.71
C ALA B 273 -25.07 -33.18 -9.10
N ASN B 274 -25.19 -32.20 -9.99
CA ASN B 274 -25.42 -32.50 -11.39
C ASN B 274 -24.96 -31.29 -12.21
N PRO B 275 -23.74 -31.29 -12.79
CA PRO B 275 -23.31 -30.19 -13.66
C PRO B 275 -24.26 -29.88 -14.82
N LYS B 276 -25.10 -30.85 -15.24
CA LYS B 276 -26.06 -30.62 -16.32
C LYS B 276 -27.41 -30.13 -15.78
N ALA B 277 -27.46 -29.62 -14.54
CA ALA B 277 -28.74 -29.26 -13.94
C ALA B 277 -29.53 -28.26 -14.77
N GLU B 278 -28.85 -27.36 -15.49
CA GLU B 278 -29.60 -26.30 -16.17
C GLU B 278 -30.52 -26.90 -17.23
N GLY B 279 -30.10 -28.02 -17.83
CA GLY B 279 -30.90 -28.70 -18.81
C GLY B 279 -32.11 -29.37 -18.19
N LEU B 280 -32.12 -29.52 -16.87
CA LEU B 280 -33.24 -30.19 -16.21
C LEU B 280 -34.35 -29.21 -15.85
N LEU B 281 -34.18 -27.90 -16.06
CA LEU B 281 -35.15 -26.94 -15.50
C LEU B 281 -36.53 -27.13 -16.17
N GLN B 282 -36.53 -27.19 -17.50
CA GLN B 282 -37.75 -27.35 -18.30
C GLN B 282 -38.84 -26.40 -17.81
N GLY B 283 -38.56 -25.09 -17.88
CA GLY B 283 -39.55 -24.08 -17.52
C GLY B 283 -39.51 -23.63 -16.07
N LYS B 284 -38.84 -24.39 -15.19
CA LYS B 284 -38.51 -23.87 -13.86
C LYS B 284 -37.42 -22.81 -13.99
N HIS B 285 -37.19 -22.02 -12.92
CA HIS B 285 -36.44 -20.76 -13.00
C HIS B 285 -35.08 -20.83 -12.30
N SER B 286 -34.92 -21.82 -11.42
CA SER B 286 -33.69 -21.96 -10.66
C SER B 286 -33.49 -23.41 -10.23
N THR B 287 -32.26 -23.73 -9.82
CA THR B 287 -31.94 -24.97 -9.15
C THR B 287 -31.75 -24.72 -7.65
N LYS B 288 -32.31 -25.61 -6.82
CA LYS B 288 -32.01 -25.62 -5.40
C LYS B 288 -31.36 -26.94 -5.00
N GLY B 289 -30.07 -26.89 -4.63
CA GLY B 289 -29.42 -28.00 -3.94
C GLY B 289 -29.90 -28.08 -2.49
N LEU B 290 -30.55 -29.21 -2.09
CA LEU B 290 -31.18 -29.36 -0.79
C LEU B 290 -30.15 -29.77 0.26
N GLY B 291 -30.07 -28.96 1.33
CA GLY B 291 -29.13 -29.17 2.42
C GLY B 291 -29.76 -29.91 3.61
N LYS B 292 -28.91 -30.61 4.37
CA LYS B 292 -29.30 -31.23 5.64
C LYS B 292 -29.97 -30.23 6.57
N MET B 293 -29.40 -29.02 6.66
CA MET B 293 -29.84 -28.01 7.62
C MET B 293 -30.25 -26.71 6.92
N ALA B 294 -31.40 -26.12 7.33
CA ALA B 294 -31.92 -24.98 6.62
C ALA B 294 -32.79 -24.13 7.54
N PRO B 295 -32.75 -22.79 7.42
CA PRO B 295 -33.70 -21.92 8.12
C PRO B 295 -35.12 -22.44 7.89
N SER B 296 -35.97 -22.23 8.89
CA SER B 296 -37.36 -22.66 8.86
C SER B 296 -38.28 -21.46 8.66
N SER B 297 -39.32 -21.63 7.85
CA SER B 297 -40.14 -20.52 7.38
C SER B 297 -40.83 -19.79 8.53
N ALA B 298 -40.92 -20.43 9.70
CA ALA B 298 -41.47 -19.82 10.90
C ALA B 298 -40.75 -18.54 11.29
N HIS B 299 -39.44 -18.44 11.00
CA HIS B 299 -38.63 -17.30 11.43
C HIS B 299 -38.46 -16.20 10.37
N PHE B 300 -39.07 -16.39 9.19
CA PHE B 300 -38.83 -15.51 8.06
C PHE B 300 -39.46 -14.14 8.27
N VAL B 301 -38.76 -13.10 7.79
CA VAL B 301 -39.31 -11.76 7.71
C VAL B 301 -39.08 -11.28 6.28
N THR B 302 -39.65 -10.13 5.95
CA THR B 302 -39.47 -9.58 4.62
C THR B 302 -38.79 -8.22 4.77
N LEU B 303 -37.90 -7.92 3.83
CA LEU B 303 -37.19 -6.66 3.80
C LEU B 303 -37.29 -6.16 2.36
N ASN B 304 -38.05 -5.07 2.17
CA ASN B 304 -38.19 -4.40 0.89
C ASN B 304 -38.77 -5.33 -0.17
N GLY B 305 -39.65 -6.26 0.25
CA GLY B 305 -40.32 -7.15 -0.69
C GLY B 305 -39.55 -8.44 -0.99
N SER B 306 -38.45 -8.67 -0.27
CA SER B 306 -37.75 -9.94 -0.39
C SER B 306 -37.88 -10.71 0.93
N THR B 307 -37.88 -12.04 0.83
CA THR B 307 -37.86 -12.91 1.98
C THR B 307 -36.45 -13.01 2.56
N VAL B 308 -36.35 -12.75 3.87
CA VAL B 308 -35.11 -12.97 4.61
C VAL B 308 -35.29 -14.25 5.41
N PRO B 309 -34.55 -15.35 5.09
CA PRO B 309 -34.74 -16.63 5.78
C PRO B 309 -33.91 -16.67 7.06
N LEU B 310 -34.34 -15.88 8.06
CA LEU B 310 -33.63 -15.83 9.32
C LEU B 310 -33.56 -17.24 9.89
N GLY B 311 -32.47 -17.51 10.64
CA GLY B 311 -32.36 -18.70 11.46
C GLY B 311 -33.11 -18.49 12.78
N PRO B 312 -32.98 -19.41 13.75
CA PRO B 312 -32.07 -20.56 13.66
C PRO B 312 -32.44 -21.56 12.58
N ALA B 313 -31.43 -22.26 12.06
CA ALA B 313 -31.65 -23.35 11.13
C ALA B 313 -32.17 -24.56 11.88
N SER B 314 -33.08 -25.27 11.25
CA SER B 314 -33.55 -26.55 11.83
C SER B 314 -32.85 -27.70 11.10
N ASP B 315 -32.56 -28.77 11.81
CA ASP B 315 -32.04 -29.97 11.12
C ASP B 315 -33.16 -30.49 10.23
N THR B 316 -33.26 -30.04 8.98
CA THR B 316 -34.29 -30.63 8.09
C THR B 316 -34.00 -32.13 8.04
N GLY B 317 -32.73 -32.49 8.27
CA GLY B 317 -32.34 -33.90 8.17
C GLY B 317 -31.14 -34.28 8.99
N ILE B 318 -30.93 -33.64 10.13
CA ILE B 318 -29.82 -34.16 10.93
C ILE B 318 -30.30 -35.42 11.65
N LEU B 319 -31.59 -35.43 12.02
CA LEU B 319 -32.26 -36.62 12.52
C LEU B 319 -32.42 -37.65 11.40
N ASN B 320 -32.37 -37.18 10.14
CA ASN B 320 -32.48 -38.05 8.98
C ASN B 320 -31.23 -37.91 8.11
N PRO B 321 -30.01 -38.24 8.60
CA PRO B 321 -28.76 -37.98 7.87
C PRO B 321 -28.75 -38.55 6.45
N ASP B 322 -29.73 -39.41 6.18
CA ASP B 322 -29.78 -40.13 4.88
C ASP B 322 -29.01 -39.37 3.80
N GLY B 323 -28.00 -40.01 3.21
CA GLY B 323 -27.18 -39.40 2.14
C GLY B 323 -27.77 -38.12 1.55
N TYR B 324 -27.72 -37.02 2.29
CA TYR B 324 -28.15 -35.72 1.74
C TYR B 324 -27.08 -35.29 0.74
N THR B 325 -25.82 -35.38 1.12
CA THR B 325 -24.68 -34.94 0.25
C THR B 325 -24.38 -33.47 0.54
N LEU B 326 -25.41 -32.68 0.82
CA LEU B 326 -25.19 -31.25 1.16
C LEU B 326 -25.56 -30.97 2.61
N ASN B 327 -24.68 -30.29 3.31
CA ASN B 327 -25.03 -29.86 4.66
C ASN B 327 -26.02 -28.70 4.65
N TYR B 328 -25.88 -27.77 3.67
CA TYR B 328 -26.72 -26.58 3.63
C TYR B 328 -27.23 -26.38 2.21
N ASN B 329 -28.33 -25.63 2.11
CA ASN B 329 -28.94 -25.35 0.83
C ASN B 329 -27.97 -24.58 -0.07
N GLU B 330 -28.30 -24.62 -1.34
CA GLU B 330 -27.58 -23.94 -2.40
C GLU B 330 -28.62 -23.53 -3.44
N TYR B 331 -28.60 -22.27 -3.85
CA TYR B 331 -29.50 -21.78 -4.88
C TYR B 331 -28.71 -21.25 -6.08
N ILE B 332 -29.20 -21.61 -7.26
CA ILE B 332 -28.49 -21.30 -8.49
C ILE B 332 -29.49 -20.75 -9.51
N VAL B 333 -29.17 -19.56 -10.05
CA VAL B 333 -29.94 -18.98 -11.14
C VAL B 333 -29.03 -18.86 -12.34
N TYR B 334 -29.61 -18.97 -13.55
CA TYR B 334 -28.78 -19.06 -14.74
C TYR B 334 -28.91 -17.81 -15.59
N ASN B 335 -29.55 -16.76 -15.05
CA ASN B 335 -29.67 -15.49 -15.75
C ASN B 335 -29.39 -14.37 -14.75
N PRO B 336 -28.42 -13.46 -15.01
CA PRO B 336 -28.18 -12.33 -14.12
C PRO B 336 -29.40 -11.44 -13.87
N ASN B 337 -30.43 -11.53 -14.72
CA ASN B 337 -31.63 -10.75 -14.53
C ASN B 337 -32.49 -11.31 -13.40
N GLN B 338 -32.06 -12.42 -12.78
CA GLN B 338 -32.72 -12.91 -11.58
C GLN B 338 -32.00 -12.44 -10.32
N VAL B 339 -31.10 -11.45 -10.45
CA VAL B 339 -30.26 -11.01 -9.34
C VAL B 339 -30.25 -9.48 -9.28
N ARG B 340 -30.44 -8.96 -8.08
CA ARG B 340 -30.21 -7.56 -7.78
C ARG B 340 -29.40 -7.44 -6.50
N MET B 341 -28.16 -6.98 -6.65
CA MET B 341 -27.28 -6.72 -5.50
C MET B 341 -27.92 -5.64 -4.64
N ARG B 342 -27.93 -5.84 -3.32
CA ARG B 342 -28.67 -4.92 -2.42
C ARG B 342 -27.83 -4.43 -1.23
N TYR B 343 -27.06 -5.31 -0.61
CA TYR B 343 -26.26 -4.94 0.58
C TYR B 343 -24.88 -5.61 0.57
N LEU B 344 -23.87 -4.85 1.00
CA LEU B 344 -22.51 -5.40 1.14
C LEU B 344 -22.09 -5.28 2.60
N LEU B 345 -21.73 -6.38 3.21
CA LEU B 345 -21.33 -6.43 4.61
C LEU B 345 -19.80 -6.47 4.69
N LYS B 346 -19.20 -5.58 5.50
CA LYS B 346 -17.81 -5.73 5.89
C LYS B 346 -17.78 -6.47 7.24
N VAL B 347 -17.14 -7.63 7.25
CA VAL B 347 -17.22 -8.58 8.34
C VAL B 347 -15.81 -8.80 8.90
N GLN B 348 -15.68 -8.77 10.22
CA GLN B 348 -14.48 -9.21 10.91
C GLN B 348 -14.65 -10.66 11.30
N PHE B 349 -13.71 -11.53 10.90
CA PHE B 349 -13.67 -12.93 11.28
C PHE B 349 -12.83 -13.12 12.54
N ASN B 350 -13.45 -13.69 13.58
CA ASN B 350 -12.86 -13.88 14.90
C ASN B 350 -12.58 -15.37 15.06
N PHE B 351 -11.34 -15.73 14.77
CA PHE B 351 -10.96 -17.16 14.86
C PHE B 351 -10.96 -17.54 16.34
N LEU B 352 -12.03 -18.19 16.76
CA LEU B 352 -12.20 -18.56 18.19
C LEU B 352 -11.58 -19.94 18.35
N GLN B 353 -10.25 -19.99 18.34
CA GLN B 353 -9.56 -21.30 18.40
C GLN B 353 -8.06 -21.05 18.51
#